data_1MS8
#
_entry.id   1MS8
#
_cell.length_a   51.502
_cell.length_b   74.181
_cell.length_c   87.574
_cell.angle_alpha   86.10
_cell.angle_beta   84.20
_cell.angle_gamma   88.20
#
_symmetry.space_group_name_H-M   'P 1'
#
loop_
_entity.id
_entity.type
_entity.pdbx_description
1 polymer trans-sialidase
2 non-polymer '2-DEOXY-2,3-DEHYDRO-N-ACETYL-NEURAMINIC ACID'
3 water water
#
_entity_poly.entity_id   1
_entity_poly.type   'polypeptide(L)'
_entity_poly.pdbx_seq_one_letter_code
;MGGSHHHHHHGMASLAPGSSRVELFKRQSSKVPFEKDGKVTERVVHSFRLPALVNVDGVMVAIADARYETSFDNSLIDTV
AKYSVDDGETWETQIAIKNSRASSVSRVVDPTVIVKGNKLYVLVGSYNSSRSYWTSHGDARDWDILLAVGEVTKSTAGGK
ITASIKWGSPVSLKEFFPAEMEGMHTNQFLGGAGVAIVASNGNLVYPVQVTNKKKQVFSKIFYSEDEGKTWKFGKGRSAF
GCSEPVALEWEGKLIINTRVDYRRRLVYESSDMGNTWLEAVGTLSRVWGPSPKSNQPGSQSSFTAVTIEGMRVMLFTHPL
NFKGRWLRDRLNLWLTDNQRIYNVGQVSIGDENSAYSSVLYKDDKLYCLHEINSNEVYSLVFARLVGELRIIKSVLQSWK
NWDSHLSSICTPADPAASSSERGCGPAVTTVGLVGFLSHSATKTEWEDAYRCVNASTANAERVPNGLKFAGVGGGALWPV
SQQGQNQRYHFANHAFTLVASVTIHEVPKGASPLLGASLDSSGGKKLLGLSYDKRHQWQPIYGSTPVTPTGSWEMGKRYH
VVLTMANKIGSVYIDGEPLEGSGQTVVPDERTPDISHFYVGGYKRSGMPTDSRVTVNNVLLYNRQLNAEEIRTLFLSQDL
IGTEAHMD
;
_entity_poly.pdbx_strand_id   A,B
#
loop_
_chem_comp.id
_chem_comp.type
_chem_comp.name
_chem_comp.formula
DAN D-saccharide '2-DEOXY-2,3-DEHYDRO-N-ACETYL-NEURAMINIC ACID' 'C11 H17 N O8'
#
# COMPACT_ATOMS: atom_id res chain seq x y z
N LEU A 15 -3.71 -22.09 -0.55
CA LEU A 15 -2.69 -21.59 0.37
C LEU A 15 -1.74 -20.42 -0.11
N ALA A 16 -1.22 -19.75 0.92
CA ALA A 16 -0.43 -18.55 0.82
C ALA A 16 0.80 -18.45 -0.05
N PRO A 17 1.07 -17.23 -0.45
CA PRO A 17 2.33 -16.76 -1.02
C PRO A 17 3.61 -17.25 -0.41
N GLY A 18 4.47 -17.81 -1.27
CA GLY A 18 5.75 -18.36 -0.87
C GLY A 18 5.67 -19.81 -0.42
N SER A 19 4.47 -20.27 -0.05
CA SER A 19 4.22 -21.66 0.34
C SER A 19 4.18 -22.66 -0.89
N SER A 20 4.42 -23.96 -0.69
CA SER A 20 4.45 -24.93 -1.77
C SER A 20 4.20 -26.31 -1.24
N ARG A 21 3.81 -27.24 -2.12
CA ARG A 21 3.61 -28.61 -1.71
C ARG A 21 3.91 -29.57 -2.84
N VAL A 22 4.05 -30.84 -2.45
CA VAL A 22 4.12 -31.98 -3.35
C VAL A 22 3.12 -33.02 -2.92
N GLU A 23 2.72 -33.88 -3.84
CA GLU A 23 1.79 -34.95 -3.53
C GLU A 23 2.67 -36.12 -3.07
N LEU A 24 2.84 -36.28 -1.77
CA LEU A 24 3.77 -37.25 -1.21
C LEU A 24 3.27 -38.69 -1.21
N PHE A 25 2.10 -38.91 -0.60
CA PHE A 25 1.50 -40.21 -0.63
C PHE A 25 0.47 -40.14 -1.78
N LYS A 26 0.81 -40.68 -2.97
CA LYS A 26 -0.01 -40.44 -4.15
C LYS A 26 -1.02 -41.54 -4.45
N ARG A 27 -2.29 -41.21 -4.34
CA ARG A 27 -3.35 -42.15 -4.63
C ARG A 27 -3.16 -42.92 -5.95
N GLN A 28 -3.45 -44.21 -5.91
CA GLN A 28 -3.37 -45.07 -7.09
C GLN A 28 -1.99 -45.06 -7.75
N SER A 29 -0.94 -44.72 -6.98
CA SER A 29 0.40 -44.55 -7.57
C SER A 29 1.51 -44.95 -6.63
N SER A 30 1.62 -44.32 -5.48
CA SER A 30 2.66 -44.76 -4.53
C SER A 30 2.50 -46.22 -4.13
N LYS A 31 3.63 -46.90 -4.04
CA LYS A 31 3.69 -48.29 -3.64
C LYS A 31 4.33 -48.49 -2.25
N VAL A 32 3.90 -49.53 -1.55
CA VAL A 32 4.38 -49.90 -0.23
C VAL A 32 4.73 -51.41 -0.28
N PRO A 33 5.59 -51.88 0.63
CA PRO A 33 6.01 -53.26 0.70
C PRO A 33 4.98 -54.10 1.48
N PHE A 34 4.09 -54.68 0.71
CA PHE A 34 2.99 -55.48 1.17
C PHE A 34 3.42 -56.87 1.47
N GLU A 35 3.47 -57.19 2.73
CA GLU A 35 3.96 -58.46 3.17
C GLU A 35 2.80 -59.39 3.50
N LYS A 36 2.82 -60.58 2.92
CA LYS A 36 1.85 -61.63 3.20
C LYS A 36 2.51 -62.98 3.12
N ASP A 37 2.31 -63.77 4.15
CA ASP A 37 2.85 -65.12 4.23
C ASP A 37 4.35 -65.20 3.98
N GLY A 38 5.12 -64.28 4.54
CA GLY A 38 6.57 -64.31 4.35
C GLY A 38 7.09 -63.84 3.00
N LYS A 39 6.19 -63.30 2.15
CA LYS A 39 6.57 -62.75 0.84
C LYS A 39 6.21 -61.22 0.71
N VAL A 40 7.15 -60.44 0.18
CA VAL A 40 6.95 -59.00 0.03
C VAL A 40 6.86 -58.63 -1.46
N THR A 41 5.91 -57.76 -1.76
CA THR A 41 5.61 -57.28 -3.07
C THR A 41 5.31 -55.78 -3.00
N GLU A 42 5.97 -55.01 -3.85
CA GLU A 42 5.67 -53.61 -4.00
C GLU A 42 4.22 -53.53 -4.52
N ARG A 43 3.30 -52.94 -3.73
CA ARG A 43 1.91 -52.86 -4.10
C ARG A 43 1.40 -51.42 -4.20
N VAL A 44 0.72 -51.11 -5.29
CA VAL A 44 0.08 -49.82 -5.43
C VAL A 44 -1.13 -49.69 -4.46
N VAL A 45 -1.24 -48.53 -3.83
CA VAL A 45 -2.26 -48.23 -2.84
C VAL A 45 -3.31 -47.30 -3.38
N HIS A 46 -4.59 -47.64 -3.22
CA HIS A 46 -5.74 -46.84 -3.74
C HIS A 46 -5.83 -45.48 -3.04
N SER A 47 -5.87 -45.46 -1.70
CA SER A 47 -6.02 -44.23 -0.90
C SER A 47 -5.16 -44.20 0.38
N PHE A 48 -4.72 -43.01 0.74
CA PHE A 48 -3.98 -42.76 1.95
C PHE A 48 -4.75 -41.72 2.76
N ARG A 49 -5.00 -42.03 4.02
CA ARG A 49 -5.78 -41.17 4.96
C ARG A 49 -5.16 -41.18 6.37
N LEU A 50 -5.66 -40.28 7.22
N LEU A 50 -5.66 -40.32 7.26
CA LEU A 50 -5.23 -40.23 8.63
CA LEU A 50 -5.20 -40.30 8.65
C LEU A 50 -3.75 -39.90 8.86
C LEU A 50 -3.75 -39.90 8.85
N PRO A 51 -3.36 -38.73 8.39
CA PRO A 51 -1.98 -38.32 8.53
C PRO A 51 -1.54 -38.01 9.98
N ALA A 52 -0.31 -38.38 10.26
CA ALA A 52 0.37 -38.06 11.48
C ALA A 52 1.82 -37.75 11.10
N LEU A 53 2.30 -36.52 11.39
CA LEU A 53 3.62 -36.07 10.96
C LEU A 53 4.46 -35.67 12.18
N VAL A 54 5.60 -36.29 12.38
CA VAL A 54 6.41 -35.99 13.56
C VAL A 54 7.86 -35.96 13.27
N ASN A 55 8.56 -35.42 14.26
CA ASN A 55 10.02 -35.25 14.28
C ASN A 55 10.61 -36.14 15.38
N VAL A 56 11.48 -37.05 14.99
CA VAL A 56 12.18 -37.90 15.96
C VAL A 56 13.64 -37.67 15.73
N ASP A 57 14.21 -36.90 16.63
CA ASP A 57 15.66 -36.70 16.63
C ASP A 57 16.16 -36.18 15.27
N GLY A 58 15.38 -35.33 14.62
CA GLY A 58 15.77 -34.77 13.36
C GLY A 58 15.34 -35.53 12.17
N VAL A 59 14.81 -36.71 12.34
CA VAL A 59 14.20 -37.42 11.22
C VAL A 59 12.66 -37.19 11.14
N MET A 60 12.15 -36.76 10.00
N MET A 60 12.15 -36.74 10.00
CA MET A 60 10.71 -36.54 9.88
CA MET A 60 10.72 -36.50 9.82
C MET A 60 10.10 -37.88 9.59
C MET A 60 10.07 -37.84 9.54
N VAL A 61 9.02 -38.17 10.28
CA VAL A 61 8.34 -39.43 10.10
C VAL A 61 6.84 -39.17 9.80
N ALA A 62 6.32 -39.77 8.75
CA ALA A 62 4.93 -39.59 8.39
C ALA A 62 4.20 -40.93 8.38
N ILE A 63 3.18 -41.03 9.22
CA ILE A 63 2.44 -42.24 9.41
C ILE A 63 1.01 -42.03 8.93
N ALA A 64 0.45 -43.04 8.33
CA ALA A 64 -0.87 -42.95 7.79
C ALA A 64 -1.40 -44.34 7.51
N ASP A 65 -2.71 -44.36 7.20
CA ASP A 65 -3.42 -45.53 6.68
C ASP A 65 -3.02 -45.74 5.19
N ALA A 66 -2.76 -46.97 4.81
CA ALA A 66 -2.68 -47.34 3.40
C ALA A 66 -3.86 -48.22 3.14
N ARG A 67 -4.88 -47.63 2.54
CA ARG A 67 -6.07 -48.35 2.18
C ARG A 67 -5.90 -48.91 0.77
N TYR A 68 -5.56 -50.19 0.64
CA TYR A 68 -5.19 -50.81 -0.61
C TYR A 68 -6.16 -50.76 -1.83
N GLU A 69 -7.45 -51.04 -1.66
CA GLU A 69 -8.39 -51.21 -2.77
C GLU A 69 -9.47 -50.22 -2.81
N THR A 70 -9.69 -49.49 -1.70
CA THR A 70 -10.81 -48.57 -1.64
C THR A 70 -10.68 -47.69 -0.40
N SER A 71 -11.30 -46.52 -0.42
CA SER A 71 -11.25 -45.62 0.72
C SER A 71 -12.30 -45.94 1.75
N PHE A 72 -13.12 -46.95 1.50
CA PHE A 72 -14.18 -47.31 2.49
C PHE A 72 -13.52 -47.69 3.82
N ASP A 73 -14.08 -47.30 4.96
CA ASP A 73 -13.40 -47.47 6.22
C ASP A 73 -13.14 -48.90 6.56
N ASN A 74 -14.08 -49.75 6.21
CA ASN A 74 -14.05 -51.12 6.61
C ASN A 74 -13.51 -51.96 5.42
N SER A 75 -12.23 -51.78 5.06
CA SER A 75 -11.56 -52.49 3.98
C SER A 75 -10.12 -52.77 4.39
N LEU A 76 -9.32 -53.27 3.45
CA LEU A 76 -7.94 -53.65 3.72
C LEU A 76 -7.02 -52.48 3.91
N ILE A 77 -6.45 -52.39 5.10
CA ILE A 77 -5.59 -51.28 5.58
C ILE A 77 -4.35 -51.75 6.37
N ASP A 78 -3.16 -51.30 5.99
CA ASP A 78 -1.99 -51.49 6.78
C ASP A 78 -1.57 -50.10 7.25
N THR A 79 -0.75 -50.00 8.29
CA THR A 79 -0.22 -48.67 8.68
C THR A 79 1.11 -48.39 7.97
N VAL A 80 1.20 -47.31 7.21
CA VAL A 80 2.38 -47.04 6.39
C VAL A 80 3.15 -45.96 7.04
N ALA A 81 4.48 -46.03 6.85
CA ALA A 81 5.37 -44.96 7.27
C ALA A 81 6.38 -44.52 6.18
N LYS A 82 6.59 -43.22 6.03
CA LYS A 82 7.65 -42.71 5.19
C LYS A 82 8.52 -41.90 6.13
N TYR A 83 9.86 -41.94 5.92
CA TYR A 83 10.76 -41.12 6.77
C TYR A 83 11.85 -40.41 5.92
N SER A 84 12.22 -39.20 6.29
CA SER A 84 13.17 -38.39 5.59
C SER A 84 14.21 -37.76 6.49
N VAL A 85 15.47 -37.71 6.03
CA VAL A 85 16.52 -37.07 6.83
C VAL A 85 16.86 -35.70 6.27
N ASP A 86 16.20 -35.35 5.16
CA ASP A 86 16.43 -34.07 4.50
C ASP A 86 15.19 -33.19 4.42
N ASP A 87 14.49 -33.05 5.51
CA ASP A 87 13.29 -32.18 5.58
C ASP A 87 12.31 -32.37 4.43
N GLY A 88 12.15 -33.62 4.02
CA GLY A 88 11.05 -33.90 3.15
C GLY A 88 11.39 -33.84 1.68
N GLU A 89 12.66 -33.63 1.34
CA GLU A 89 13.07 -33.66 -0.04
C GLU A 89 13.09 -35.08 -0.58
N THR A 90 13.58 -36.00 0.22
CA THR A 90 13.49 -37.42 -0.16
C THR A 90 13.01 -38.29 0.99
N TRP A 91 12.34 -39.41 0.65
CA TRP A 91 11.71 -40.33 1.59
C TRP A 91 11.92 -41.80 1.23
N GLU A 92 12.11 -42.59 2.30
CA GLU A 92 11.99 -44.03 2.32
C GLU A 92 10.58 -44.44 2.83
N THR A 93 10.13 -45.63 2.42
CA THR A 93 8.76 -46.12 2.65
C THR A 93 8.77 -47.57 3.30
N GLN A 94 7.97 -47.77 4.35
CA GLN A 94 7.85 -49.04 5.02
C GLN A 94 6.39 -49.23 5.48
N ILE A 95 6.06 -50.45 5.84
CA ILE A 95 4.82 -50.70 6.48
C ILE A 95 5.20 -50.86 7.95
N ALA A 96 4.75 -49.90 8.79
CA ALA A 96 5.01 -49.92 10.24
C ALA A 96 4.24 -50.99 10.98
N ILE A 97 2.97 -51.19 10.62
CA ILE A 97 2.11 -52.21 11.21
C ILE A 97 1.22 -52.85 10.12
N LYS A 98 1.22 -54.20 10.08
CA LYS A 98 0.36 -54.94 9.19
C LYS A 98 -0.87 -55.45 9.94
N ASN A 99 -2.00 -55.51 9.23
CA ASN A 99 -3.21 -56.09 9.73
C ASN A 99 -3.09 -57.65 9.82
N SER A 100 -4.13 -58.31 10.36
CA SER A 100 -4.09 -59.76 10.56
C SER A 100 -4.13 -60.65 9.29
N ARG A 101 -4.51 -60.07 8.18
CA ARG A 101 -4.63 -60.83 6.96
C ARG A 101 -5.76 -61.89 7.07
N ALA A 102 -6.64 -61.78 8.08
CA ALA A 102 -7.71 -62.74 8.25
C ALA A 102 -8.72 -62.71 7.14
N SER A 103 -8.92 -61.54 6.51
CA SER A 103 -9.89 -61.42 5.41
C SER A 103 -9.58 -60.28 4.50
N SER A 104 -10.43 -60.09 3.49
CA SER A 104 -10.27 -58.99 2.54
C SER A 104 -10.56 -57.60 3.14
N VAL A 105 -11.10 -57.51 4.36
CA VAL A 105 -11.35 -56.22 5.07
C VAL A 105 -10.58 -56.09 6.43
N SER A 106 -9.54 -56.92 6.65
CA SER A 106 -8.73 -56.88 7.86
C SER A 106 -8.04 -55.52 7.84
N ARG A 107 -7.91 -54.90 9.02
CA ARG A 107 -7.37 -53.55 9.11
C ARG A 107 -6.91 -53.12 10.47
N VAL A 108 -5.81 -52.38 10.49
CA VAL A 108 -5.36 -51.64 11.65
C VAL A 108 -5.75 -50.20 11.33
N VAL A 109 -6.30 -49.49 12.30
CA VAL A 109 -6.90 -48.23 12.03
C VAL A 109 -6.63 -47.16 13.09
N ASP A 110 -6.93 -45.91 12.72
CA ASP A 110 -6.70 -44.74 13.55
C ASP A 110 -5.36 -44.73 14.25
N PRO A 111 -4.30 -44.92 13.48
CA PRO A 111 -2.97 -44.91 14.05
C PRO A 111 -2.72 -43.59 14.74
N THR A 112 -2.33 -43.70 16.01
CA THR A 112 -2.06 -42.58 16.89
C THR A 112 -0.64 -42.69 17.40
N VAL A 113 0.10 -41.60 17.24
CA VAL A 113 1.54 -41.60 17.49
C VAL A 113 2.04 -40.73 18.66
N ILE A 114 2.99 -41.29 19.42
CA ILE A 114 3.71 -40.51 20.41
C ILE A 114 5.19 -40.62 20.19
N VAL A 115 5.95 -39.53 20.36
CA VAL A 115 7.39 -39.61 20.28
C VAL A 115 7.99 -39.45 21.66
N LYS A 116 8.86 -40.39 22.06
CA LYS A 116 9.68 -40.26 23.27
C LYS A 116 11.12 -40.76 23.00
N GLY A 117 12.08 -39.86 23.14
CA GLY A 117 13.47 -40.13 22.80
C GLY A 117 13.52 -40.58 21.31
N ASN A 118 14.14 -41.71 21.05
N ASN A 118 14.17 -41.71 21.06
CA ASN A 118 14.18 -42.21 19.69
CA ASN A 118 14.23 -42.22 19.70
C ASN A 118 13.09 -43.20 19.35
C ASN A 118 13.09 -43.21 19.35
N LYS A 119 12.05 -43.27 20.19
CA LYS A 119 10.97 -44.21 19.95
C LYS A 119 9.67 -43.62 19.45
N LEU A 120 9.05 -44.33 18.53
CA LEU A 120 7.73 -44.00 18.01
C LEU A 120 6.74 -45.04 18.58
N TYR A 121 5.79 -44.61 19.42
CA TYR A 121 4.72 -45.45 19.98
C TYR A 121 3.52 -45.27 19.08
N VAL A 122 3.04 -46.35 18.45
CA VAL A 122 1.90 -46.24 17.54
C VAL A 122 0.71 -47.13 18.01
N LEU A 123 -0.42 -46.53 18.32
CA LEU A 123 -1.57 -47.29 18.84
C LEU A 123 -2.65 -47.40 17.77
N VAL A 124 -3.03 -48.64 17.49
CA VAL A 124 -4.04 -48.86 16.49
C VAL A 124 -5.11 -49.80 16.92
N GLY A 125 -6.29 -49.60 16.35
CA GLY A 125 -7.33 -50.59 16.50
C GLY A 125 -7.03 -51.67 15.46
N SER A 126 -7.42 -52.92 15.75
CA SER A 126 -7.26 -54.04 14.79
C SER A 126 -8.56 -54.78 14.61
N TYR A 127 -9.05 -54.89 13.36
CA TYR A 127 -10.30 -55.60 13.04
C TYR A 127 -10.05 -56.72 12.01
N ASN A 128 -10.79 -57.83 12.15
CA ASN A 128 -10.58 -59.01 11.28
C ASN A 128 -11.51 -59.15 10.06
N SER A 129 -12.82 -58.98 10.24
N SER A 129 -12.83 -58.99 10.24
CA SER A 129 -13.76 -59.30 9.17
CA SER A 129 -13.78 -59.28 9.16
C SER A 129 -15.03 -58.48 9.08
C SER A 129 -15.04 -58.48 9.08
N SER A 130 -15.30 -57.64 10.07
CA SER A 130 -16.55 -56.86 10.06
C SER A 130 -16.71 -55.93 8.85
N ARG A 131 -17.93 -55.72 8.34
CA ARG A 131 -18.13 -54.78 7.28
C ARG A 131 -18.83 -53.52 7.76
N SER A 132 -18.96 -53.39 9.05
CA SER A 132 -19.67 -52.24 9.63
C SER A 132 -18.79 -51.31 10.49
N TYR A 133 -19.22 -50.07 10.61
CA TYR A 133 -18.51 -49.08 11.40
C TYR A 133 -18.47 -49.47 12.90
N TRP A 134 -17.29 -49.39 13.49
CA TRP A 134 -17.01 -49.77 14.92
C TRP A 134 -18.04 -49.37 16.01
N THR A 135 -18.54 -48.16 15.97
CA THR A 135 -19.49 -47.76 16.94
C THR A 135 -20.81 -48.44 16.76
N SER A 136 -20.99 -49.16 15.65
N SER A 136 -20.99 -49.13 15.63
CA SER A 136 -22.27 -49.82 15.39
CA SER A 136 -22.26 -49.83 15.34
C SER A 136 -22.25 -51.24 15.96
C SER A 136 -22.26 -51.22 16.00
N HIS A 137 -21.07 -51.75 16.26
CA HIS A 137 -20.92 -53.10 16.81
C HIS A 137 -21.66 -53.36 18.14
N GLY A 138 -22.38 -54.48 18.23
CA GLY A 138 -23.06 -54.85 19.48
C GLY A 138 -22.16 -55.64 20.44
N ASP A 139 -20.94 -56.00 20.03
CA ASP A 139 -19.96 -56.72 20.84
C ASP A 139 -18.53 -56.39 20.42
N ALA A 140 -17.57 -57.01 21.05
CA ALA A 140 -16.15 -56.82 20.82
C ALA A 140 -15.46 -57.99 20.17
N ARG A 141 -16.20 -58.87 19.55
CA ARG A 141 -15.61 -60.06 18.99
C ARG A 141 -14.62 -59.86 17.80
N ASP A 142 -14.75 -58.76 17.09
CA ASP A 142 -13.89 -58.48 15.90
C ASP A 142 -12.77 -57.52 16.21
N TRP A 143 -12.61 -57.13 17.46
CA TRP A 143 -11.74 -56.01 17.86
C TRP A 143 -10.59 -56.38 18.78
N ASP A 144 -9.46 -55.70 18.58
CA ASP A 144 -8.31 -55.72 19.49
C ASP A 144 -7.70 -54.29 19.41
N ILE A 145 -6.80 -54.00 20.34
CA ILE A 145 -6.15 -52.71 20.49
C ILE A 145 -4.64 -53.03 20.66
N LEU A 146 -3.83 -52.56 19.71
CA LEU A 146 -2.41 -52.90 19.63
C LEU A 146 -1.52 -51.73 19.71
N LEU A 147 -0.36 -52.04 20.29
CA LEU A 147 0.74 -51.08 20.39
C LEU A 147 1.99 -51.64 19.72
N ALA A 148 2.58 -50.84 18.82
CA ALA A 148 3.87 -51.17 18.19
C ALA A 148 4.81 -50.05 18.47
N VAL A 149 6.08 -50.39 18.72
CA VAL A 149 7.13 -49.43 18.92
C VAL A 149 8.14 -49.52 17.84
N GLY A 150 8.48 -48.36 17.27
CA GLY A 150 9.47 -48.28 16.20
C GLY A 150 10.73 -47.60 16.71
N GLU A 151 11.90 -48.17 16.50
CA GLU A 151 13.10 -47.49 16.99
C GLU A 151 13.87 -46.85 15.87
N VAL A 152 14.15 -45.56 16.03
CA VAL A 152 14.78 -44.78 14.99
C VAL A 152 16.24 -44.60 15.31
N THR A 153 17.11 -44.97 14.38
CA THR A 153 18.59 -44.81 14.50
C THR A 153 19.13 -44.08 13.30
N LYS A 154 20.24 -43.39 13.53
CA LYS A 154 20.90 -42.63 12.49
C LYS A 154 22.39 -43.05 12.40
N SER A 155 23.00 -42.91 11.22
CA SER A 155 24.45 -43.20 11.01
C SER A 155 24.96 -42.08 10.15
N THR A 156 26.21 -41.70 10.39
CA THR A 156 26.91 -40.76 9.54
C THR A 156 27.93 -41.46 8.64
N ALA A 157 27.74 -42.75 8.43
CA ALA A 157 28.68 -43.45 7.56
C ALA A 157 28.65 -42.94 6.14
N GLY A 158 29.84 -42.86 5.58
CA GLY A 158 29.98 -42.41 4.21
C GLY A 158 29.89 -40.90 4.11
N GLY A 159 30.00 -40.17 5.22
CA GLY A 159 29.92 -38.72 5.11
C GLY A 159 28.48 -38.22 4.86
N LYS A 160 27.50 -39.09 5.09
CA LYS A 160 26.09 -38.73 4.99
C LYS A 160 25.24 -39.23 6.19
N ILE A 161 24.03 -38.69 6.32
CA ILE A 161 23.09 -39.13 7.31
C ILE A 161 22.20 -40.16 6.70
N THR A 162 22.14 -41.32 7.31
CA THR A 162 21.23 -42.35 6.87
C THR A 162 20.37 -42.73 8.09
N ALA A 163 19.04 -42.73 7.95
CA ALA A 163 18.22 -43.19 9.04
C ALA A 163 17.65 -44.60 8.78
N SER A 164 17.20 -45.23 9.86
N SER A 164 17.30 -45.28 9.89
CA SER A 164 16.51 -46.49 9.79
CA SER A 164 16.63 -46.59 9.91
C SER A 164 15.55 -46.63 10.99
C SER A 164 15.51 -46.57 10.96
N ILE A 165 14.45 -47.34 10.74
CA ILE A 165 13.41 -47.51 11.76
C ILE A 165 13.11 -48.99 11.78
N LYS A 166 13.26 -49.56 12.96
CA LYS A 166 12.99 -50.94 13.18
C LYS A 166 11.67 -51.04 13.98
N TRP A 167 10.65 -51.63 13.34
CA TRP A 167 9.31 -51.76 13.91
C TRP A 167 9.21 -53.08 14.63
N GLY A 168 8.95 -53.03 15.94
CA GLY A 168 8.78 -54.24 16.74
C GLY A 168 7.42 -54.84 16.42
N SER A 169 7.11 -56.02 16.95
CA SER A 169 5.79 -56.63 16.75
C SER A 169 4.80 -55.94 17.64
N PRO A 170 3.57 -55.81 17.19
CA PRO A 170 2.52 -55.22 17.98
C PRO A 170 2.13 -56.10 19.12
N VAL A 171 1.81 -55.46 20.25
CA VAL A 171 1.37 -56.15 21.46
C VAL A 171 -0.04 -55.72 21.75
N SER A 172 -0.92 -56.64 22.14
CA SER A 172 -2.29 -56.24 22.52
C SER A 172 -2.43 -55.64 23.93
N LEU A 173 -3.08 -54.50 24.04
CA LEU A 173 -3.30 -53.84 25.33
C LEU A 173 -4.66 -54.15 25.88
N LYS A 174 -5.28 -55.17 25.36
CA LYS A 174 -6.65 -55.42 25.77
C LYS A 174 -6.74 -55.69 27.28
N GLU A 175 -5.69 -56.27 27.82
CA GLU A 175 -5.71 -56.64 29.23
C GLU A 175 -5.92 -55.45 30.14
N PHE A 176 -5.73 -54.22 29.65
CA PHE A 176 -5.82 -53.01 30.50
C PHE A 176 -7.17 -52.29 30.40
N PHE A 177 -8.12 -52.91 29.68
CA PHE A 177 -9.45 -52.34 29.46
C PHE A 177 -10.47 -52.97 30.45
N PRO A 178 -10.95 -52.20 31.42
CA PRO A 178 -11.90 -52.74 32.41
C PRO A 178 -13.25 -52.93 31.79
N ALA A 179 -13.86 -54.00 32.22
CA ALA A 179 -15.19 -54.38 31.80
C ALA A 179 -16.27 -53.37 32.21
N GLU A 180 -15.95 -52.62 33.24
CA GLU A 180 -16.88 -51.63 33.74
C GLU A 180 -16.19 -50.33 34.02
N MET A 181 -16.92 -49.25 33.81
CA MET A 181 -16.45 -47.90 34.12
C MET A 181 -17.61 -47.09 34.71
N GLU A 182 -17.51 -46.64 35.96
CA GLU A 182 -18.39 -45.65 36.58
C GLU A 182 -19.82 -45.77 36.21
N GLY A 183 -20.30 -46.97 36.26
CA GLY A 183 -21.67 -47.16 35.92
C GLY A 183 -21.68 -48.19 34.80
N MET A 184 -21.38 -47.70 33.60
CA MET A 184 -21.46 -48.47 32.36
C MET A 184 -20.61 -49.75 32.15
N HIS A 185 -20.96 -50.50 31.11
CA HIS A 185 -20.17 -51.61 30.63
C HIS A 185 -19.47 -51.24 29.31
N THR A 186 -18.16 -51.48 29.22
CA THR A 186 -17.37 -51.08 28.05
C THR A 186 -17.50 -52.04 26.90
N ASN A 187 -17.28 -51.49 25.68
CA ASN A 187 -17.28 -52.35 24.46
C ASN A 187 -15.90 -52.30 23.75
N GLN A 188 -15.50 -51.12 23.23
CA GLN A 188 -14.27 -51.00 22.48
C GLN A 188 -13.69 -49.63 22.74
N PHE A 189 -12.43 -49.45 22.40
CA PHE A 189 -11.79 -48.15 22.35
C PHE A 189 -10.74 -48.07 21.24
N LEU A 190 -10.43 -46.86 20.82
CA LEU A 190 -9.36 -46.57 19.89
C LEU A 190 -8.70 -45.25 20.29
N GLY A 191 -7.50 -45.00 19.74
CA GLY A 191 -6.88 -43.68 19.77
C GLY A 191 -7.69 -42.65 18.99
N GLY A 192 -7.38 -41.39 19.21
CA GLY A 192 -8.03 -40.29 18.55
C GLY A 192 -7.48 -39.90 17.20
N ALA A 193 -6.44 -40.63 16.81
CA ALA A 193 -5.69 -40.46 15.56
C ALA A 193 -4.77 -39.26 15.66
N GLY A 194 -3.90 -39.13 14.68
CA GLY A 194 -2.94 -38.04 14.71
C GLY A 194 -1.83 -38.28 15.71
N VAL A 195 -1.45 -37.18 16.38
CA VAL A 195 -0.33 -37.11 17.26
C VAL A 195 -0.71 -36.77 18.70
N ALA A 196 -0.30 -37.63 19.61
CA ALA A 196 -0.47 -37.44 21.05
C ALA A 196 0.91 -37.02 21.73
N ILE A 197 1.03 -37.15 23.06
CA ILE A 197 2.14 -36.58 23.79
C ILE A 197 2.73 -37.41 24.92
N VAL A 198 3.90 -36.96 25.30
CA VAL A 198 4.55 -37.34 26.55
C VAL A 198 4.25 -36.16 27.51
N ALA A 199 3.73 -36.43 28.71
CA ALA A 199 3.42 -35.34 29.64
C ALA A 199 4.70 -34.88 30.34
N SER A 200 4.62 -33.70 30.96
CA SER A 200 5.79 -33.14 31.57
C SER A 200 6.38 -34.09 32.59
N ASN A 201 5.58 -35.00 33.16
CA ASN A 201 6.11 -35.96 34.16
C ASN A 201 6.65 -37.27 33.56
N GLY A 202 6.70 -37.38 32.21
CA GLY A 202 7.16 -38.56 31.51
C GLY A 202 6.11 -39.56 31.09
N ASN A 203 4.91 -39.37 31.61
CA ASN A 203 3.84 -40.26 31.18
C ASN A 203 3.57 -40.20 29.64
N LEU A 204 3.36 -41.38 29.05
CA LEU A 204 2.81 -41.48 27.72
C LEU A 204 1.27 -41.24 27.87
N VAL A 205 0.71 -40.29 27.13
CA VAL A 205 -0.72 -39.97 27.21
C VAL A 205 -1.43 -40.07 25.85
N TYR A 206 -2.35 -40.99 25.73
CA TYR A 206 -3.26 -41.01 24.59
C TYR A 206 -4.67 -40.62 25.00
N PRO A 207 -5.25 -39.59 24.39
CA PRO A 207 -6.66 -39.34 24.59
C PRO A 207 -7.34 -40.41 23.74
N VAL A 208 -8.33 -41.13 24.25
CA VAL A 208 -8.99 -42.20 23.49
C VAL A 208 -10.47 -42.02 23.39
N GLN A 209 -11.06 -42.69 22.39
CA GLN A 209 -12.51 -42.67 22.15
C GLN A 209 -12.95 -44.09 22.53
N VAL A 210 -14.01 -44.18 23.34
CA VAL A 210 -14.47 -45.41 23.96
C VAL A 210 -15.99 -45.58 23.71
N THR A 211 -16.43 -46.83 23.43
CA THR A 211 -17.86 -47.14 23.39
C THR A 211 -18.33 -47.97 24.62
N ASN A 212 -19.61 -47.81 24.98
CA ASN A 212 -20.25 -48.63 26.02
C ASN A 212 -21.32 -49.55 25.33
N LYS A 213 -21.92 -50.47 26.09
CA LYS A 213 -22.93 -51.40 25.54
C LYS A 213 -24.16 -50.71 25.04
N LYS A 214 -24.24 -49.41 25.26
CA LYS A 214 -25.34 -48.65 24.68
C LYS A 214 -24.98 -48.05 23.39
N LYS A 215 -23.75 -48.28 22.98
CA LYS A 215 -23.27 -47.68 21.72
C LYS A 215 -23.09 -46.14 21.79
N GLN A 216 -22.93 -45.61 22.99
CA GLN A 216 -22.57 -44.22 23.17
C GLN A 216 -21.03 -44.13 23.05
N VAL A 217 -20.56 -43.02 22.49
N VAL A 217 -20.56 -43.01 22.51
CA VAL A 217 -19.12 -42.79 22.40
CA VAL A 217 -19.13 -42.76 22.39
C VAL A 217 -18.75 -41.64 23.34
C VAL A 217 -18.78 -41.67 23.38
N PHE A 218 -17.57 -41.72 23.94
CA PHE A 218 -17.11 -40.69 24.86
C PHE A 218 -15.58 -40.73 24.88
N SER A 219 -14.95 -39.68 25.37
CA SER A 219 -13.44 -39.60 25.43
C SER A 219 -12.87 -39.74 26.81
N LYS A 220 -11.66 -40.25 26.92
CA LYS A 220 -10.99 -40.49 28.19
C LYS A 220 -9.51 -40.32 27.99
N ILE A 221 -8.76 -40.37 29.11
CA ILE A 221 -7.32 -40.38 29.09
C ILE A 221 -6.82 -41.81 29.40
N PHE A 222 -5.95 -42.30 28.55
CA PHE A 222 -5.35 -43.61 28.60
C PHE A 222 -3.86 -43.31 28.66
N TYR A 223 -3.20 -43.66 29.77
CA TYR A 223 -1.83 -43.24 30.01
C TYR A 223 -0.98 -44.31 30.63
N SER A 224 0.35 -44.15 30.50
CA SER A 224 1.35 -45.13 31.05
C SER A 224 2.43 -44.44 31.82
N GLU A 225 2.79 -44.98 32.97
CA GLU A 225 3.75 -44.33 33.82
C GLU A 225 5.06 -45.14 33.71
N ASP A 226 5.06 -46.18 32.86
CA ASP A 226 6.24 -47.07 32.77
C ASP A 226 6.70 -47.42 31.34
N GLU A 227 6.78 -46.41 30.50
CA GLU A 227 7.25 -46.52 29.11
C GLU A 227 6.39 -47.44 28.21
N GLY A 228 5.13 -47.59 28.55
CA GLY A 228 4.22 -48.32 27.74
C GLY A 228 4.07 -49.77 28.09
N LYS A 229 4.64 -50.18 29.20
CA LYS A 229 4.53 -51.58 29.59
C LYS A 229 3.16 -51.81 30.24
N THR A 230 2.68 -50.90 31.05
CA THR A 230 1.32 -51.00 31.56
C THR A 230 0.57 -49.68 31.34
N TRP A 231 -0.76 -49.80 31.29
CA TRP A 231 -1.67 -48.70 31.01
C TRP A 231 -2.83 -48.66 31.98
N LYS A 232 -3.29 -47.43 32.18
CA LYS A 232 -4.38 -47.09 33.08
C LYS A 232 -5.37 -46.09 32.43
N PHE A 233 -6.63 -46.10 32.91
CA PHE A 233 -7.62 -45.10 32.49
C PHE A 233 -7.91 -44.10 33.63
N GLY A 234 -7.99 -42.81 33.31
CA GLY A 234 -8.43 -41.84 34.31
C GLY A 234 -9.89 -42.20 34.54
N LYS A 235 -10.51 -41.84 35.66
CA LYS A 235 -11.89 -42.21 35.91
C LYS A 235 -12.92 -41.29 35.36
N GLY A 236 -12.55 -40.05 35.03
CA GLY A 236 -13.49 -39.11 34.45
C GLY A 236 -13.67 -39.30 32.95
N ARG A 237 -14.54 -38.50 32.31
CA ARG A 237 -14.72 -38.58 30.89
C ARG A 237 -15.35 -37.36 30.31
N SER A 238 -15.34 -37.22 29.01
CA SER A 238 -16.14 -36.19 28.31
C SER A 238 -17.59 -36.50 28.35
N ALA A 239 -18.39 -35.57 27.86
CA ALA A 239 -19.79 -35.84 27.61
C ALA A 239 -19.88 -36.95 26.53
N PHE A 240 -21.05 -37.59 26.41
CA PHE A 240 -21.31 -38.54 25.34
C PHE A 240 -21.42 -37.79 23.98
N GLY A 241 -20.99 -38.45 22.91
CA GLY A 241 -20.95 -37.83 21.60
C GLY A 241 -19.57 -37.19 21.25
N CYS A 242 -18.63 -37.16 22.17
CA CYS A 242 -17.33 -36.62 21.85
C CYS A 242 -16.41 -37.73 21.38
N SER A 243 -16.01 -37.68 20.11
CA SER A 243 -15.10 -38.66 19.50
C SER A 243 -13.72 -38.10 19.14
N GLU A 244 -12.91 -38.97 18.54
CA GLU A 244 -11.57 -38.57 18.05
C GLU A 244 -10.93 -37.43 18.81
N PRO A 245 -10.66 -37.61 20.08
CA PRO A 245 -10.07 -36.55 20.90
C PRO A 245 -8.60 -36.31 20.57
N VAL A 246 -8.16 -35.06 20.56
CA VAL A 246 -6.75 -34.72 20.41
C VAL A 246 -6.32 -33.86 21.61
N ALA A 247 -5.10 -34.05 22.11
CA ALA A 247 -4.66 -33.40 23.33
C ALA A 247 -3.24 -32.85 23.35
N LEU A 248 -3.04 -31.83 24.18
CA LEU A 248 -1.75 -31.21 24.43
C LEU A 248 -1.69 -30.87 25.92
N GLU A 249 -0.50 -30.54 26.47
CA GLU A 249 -0.34 -30.10 27.85
C GLU A 249 -0.10 -28.62 27.81
N TRP A 250 -0.83 -27.88 28.64
CA TRP A 250 -0.74 -26.41 28.74
C TRP A 250 -0.76 -26.01 30.23
N GLU A 251 0.34 -25.42 30.70
CA GLU A 251 0.44 -24.87 32.04
C GLU A 251 0.07 -25.92 33.08
N GLY A 252 0.64 -27.11 32.96
CA GLY A 252 0.36 -28.17 33.93
C GLY A 252 -0.92 -28.98 33.71
N LYS A 253 -1.76 -28.60 32.75
CA LYS A 253 -3.02 -29.31 32.53
C LYS A 253 -3.15 -29.90 31.09
N LEU A 254 -3.86 -30.99 30.96
CA LEU A 254 -4.16 -31.47 29.64
C LEU A 254 -5.33 -30.68 29.13
N ILE A 255 -5.27 -30.30 27.86
CA ILE A 255 -6.37 -29.73 27.13
C ILE A 255 -6.79 -30.75 26.02
N ILE A 256 -8.03 -31.24 26.10
CA ILE A 256 -8.58 -32.26 25.25
C ILE A 256 -9.61 -31.65 24.35
N ASN A 257 -9.26 -31.61 23.05
CA ASN A 257 -10.10 -30.98 21.99
C ASN A 257 -10.85 -32.11 21.27
N THR A 258 -12.20 -32.12 21.29
CA THR A 258 -12.95 -33.24 20.78
C THR A 258 -13.83 -32.96 19.57
N ARG A 259 -14.06 -34.03 18.78
CA ARG A 259 -14.98 -34.01 17.65
C ARG A 259 -16.41 -34.37 18.10
N VAL A 260 -17.35 -33.59 17.64
CA VAL A 260 -18.75 -33.85 17.91
C VAL A 260 -19.53 -33.70 16.62
N ASP A 261 -20.00 -34.81 16.08
CA ASP A 261 -20.68 -34.73 14.80
C ASP A 261 -21.97 -33.92 14.91
N TYR A 262 -22.23 -33.08 13.94
CA TYR A 262 -23.41 -32.29 13.90
C TYR A 262 -23.49 -31.22 15.01
N ARG A 263 -22.41 -30.97 15.75
N ARG A 263 -22.40 -30.95 15.71
CA ARG A 263 -22.39 -29.94 16.82
CA ARG A 263 -22.37 -29.94 16.79
C ARG A 263 -21.04 -29.24 16.90
C ARG A 263 -21.04 -29.25 16.92
N ARG A 264 -20.98 -28.19 17.75
CA ARG A 264 -19.73 -27.47 17.97
C ARG A 264 -18.76 -28.32 18.77
N ARG A 265 -17.49 -28.17 18.52
CA ARG A 265 -16.48 -28.92 19.24
C ARG A 265 -16.39 -28.56 20.73
N LEU A 266 -16.27 -29.58 21.56
CA LEU A 266 -16.18 -29.35 23.01
C LEU A 266 -14.73 -29.56 23.46
N VAL A 267 -14.25 -28.70 24.39
CA VAL A 267 -12.87 -28.71 24.86
C VAL A 267 -12.86 -28.80 26.36
N TYR A 268 -11.96 -29.61 26.91
CA TYR A 268 -11.89 -29.92 28.33
C TYR A 268 -10.47 -29.77 28.84
N GLU A 269 -10.35 -29.45 30.11
CA GLU A 269 -9.09 -29.45 30.83
C GLU A 269 -9.14 -30.52 31.98
N SER A 270 -7.99 -31.11 32.26
CA SER A 270 -7.80 -32.06 33.37
C SER A 270 -6.37 -31.95 33.94
N SER A 271 -6.30 -31.84 35.28
CA SER A 271 -5.09 -31.65 36.02
C SER A 271 -4.65 -32.93 36.63
N ASP A 272 -5.40 -33.99 36.40
CA ASP A 272 -5.11 -35.25 37.06
C ASP A 272 -5.21 -36.50 36.17
N MET A 273 -4.66 -36.38 34.96
CA MET A 273 -4.63 -37.45 34.01
C MET A 273 -6.01 -37.99 33.78
N GLY A 274 -6.98 -37.14 33.69
CA GLY A 274 -8.32 -37.60 33.35
C GLY A 274 -9.24 -38.06 34.49
N ASN A 275 -8.76 -37.95 35.72
CA ASN A 275 -9.66 -38.30 36.85
C ASN A 275 -10.85 -37.34 36.86
N THR A 276 -10.61 -36.07 36.52
CA THR A 276 -11.64 -35.09 36.47
C THR A 276 -11.43 -34.29 35.21
N TRP A 277 -12.53 -33.86 34.63
CA TRP A 277 -12.64 -33.16 33.36
C TRP A 277 -13.51 -31.96 33.59
N LEU A 278 -13.03 -30.81 33.16
CA LEU A 278 -13.81 -29.63 33.29
C LEU A 278 -13.94 -28.96 31.93
N GLU A 279 -15.14 -28.64 31.53
CA GLU A 279 -15.29 -28.01 30.23
C GLU A 279 -14.64 -26.63 30.21
N ALA A 280 -13.90 -26.35 29.14
CA ALA A 280 -13.17 -25.10 29.05
C ALA A 280 -14.03 -23.98 28.48
N VAL A 281 -15.11 -23.68 29.17
CA VAL A 281 -16.10 -22.68 28.71
C VAL A 281 -15.51 -21.29 28.65
N GLY A 282 -14.46 -21.07 29.40
CA GLY A 282 -13.86 -19.74 29.45
C GLY A 282 -12.78 -19.43 28.40
N THR A 283 -12.49 -20.38 27.50
CA THR A 283 -11.41 -20.19 26.53
C THR A 283 -11.69 -20.77 25.12
N LEU A 284 -11.70 -22.11 25.02
CA LEU A 284 -11.80 -22.75 23.72
C LEU A 284 -13.03 -23.62 23.39
N SER A 285 -13.82 -24.00 24.39
CA SER A 285 -14.93 -24.89 24.15
C SER A 285 -16.04 -24.15 23.44
N ARG A 286 -16.62 -24.81 22.44
CA ARG A 286 -17.72 -24.33 21.59
C ARG A 286 -17.33 -23.25 20.60
N VAL A 287 -16.03 -22.95 20.54
CA VAL A 287 -15.54 -22.00 19.55
C VAL A 287 -15.64 -22.51 18.11
N TRP A 288 -15.13 -23.70 17.85
CA TRP A 288 -15.08 -24.16 16.46
C TRP A 288 -16.26 -25.03 15.98
N GLY A 289 -16.96 -24.54 14.95
CA GLY A 289 -18.07 -25.24 14.32
C GLY A 289 -17.57 -26.08 13.14
N PRO A 290 -18.16 -27.27 12.93
CA PRO A 290 -17.77 -28.21 11.87
C PRO A 290 -18.30 -27.88 10.48
N SER A 291 -19.12 -26.85 10.35
CA SER A 291 -19.63 -26.38 9.05
C SER A 291 -20.21 -25.00 9.27
N PRO A 292 -20.47 -24.24 8.21
CA PRO A 292 -21.11 -22.93 8.37
C PRO A 292 -22.33 -22.95 9.24
N LYS A 293 -23.18 -23.96 9.16
CA LYS A 293 -24.39 -24.05 10.04
C LYS A 293 -24.28 -25.02 11.23
N SER A 294 -23.08 -25.49 11.46
CA SER A 294 -22.75 -26.39 12.54
C SER A 294 -23.72 -27.55 12.66
N ASN A 295 -24.05 -28.15 11.49
CA ASN A 295 -25.01 -29.26 11.39
C ASN A 295 -24.54 -30.36 10.41
N GLN A 296 -23.24 -30.62 10.40
CA GLN A 296 -22.64 -31.58 9.47
C GLN A 296 -21.59 -32.36 10.24
N PRO A 297 -21.06 -33.43 9.70
CA PRO A 297 -20.01 -34.19 10.41
C PRO A 297 -18.78 -33.36 10.77
N GLY A 298 -18.12 -33.74 11.86
CA GLY A 298 -16.90 -33.11 12.28
C GLY A 298 -15.71 -33.73 11.61
N SER A 299 -14.53 -33.57 12.25
CA SER A 299 -13.26 -33.98 11.72
C SER A 299 -12.19 -34.26 12.76
N GLN A 300 -11.16 -34.96 12.33
CA GLN A 300 -9.89 -35.10 13.05
C GLN A 300 -9.21 -33.75 12.96
N SER A 301 -8.48 -33.35 13.99
CA SER A 301 -7.77 -32.05 14.04
C SER A 301 -6.34 -32.23 14.58
N SER A 302 -5.40 -31.46 14.06
CA SER A 302 -4.04 -31.36 14.66
C SER A 302 -4.15 -30.27 15.72
N PHE A 303 -3.54 -30.49 16.88
CA PHE A 303 -3.64 -29.59 18.06
C PHE A 303 -2.37 -29.82 18.87
N THR A 304 -1.48 -28.87 18.80
CA THR A 304 -0.14 -28.97 19.37
C THR A 304 0.25 -27.70 20.08
N ALA A 305 1.14 -27.85 21.03
CA ALA A 305 1.64 -26.71 21.78
C ALA A 305 3.08 -26.55 21.31
N VAL A 306 3.48 -25.34 20.91
CA VAL A 306 4.85 -25.12 20.40
C VAL A 306 5.40 -23.80 20.91
N THR A 307 6.73 -23.60 20.84
CA THR A 307 7.31 -22.31 21.19
C THR A 307 7.85 -21.59 19.96
N ILE A 308 7.29 -20.43 19.58
CA ILE A 308 7.70 -19.67 18.38
C ILE A 308 8.18 -18.32 18.83
N GLU A 309 9.39 -17.97 18.44
CA GLU A 309 10.06 -16.72 18.85
C GLU A 309 9.95 -16.56 20.38
N GLY A 310 10.13 -17.65 21.10
CA GLY A 310 10.08 -17.58 22.57
C GLY A 310 8.73 -17.52 23.33
N MET A 311 7.63 -17.45 22.58
N MET A 311 7.64 -17.52 22.58
CA MET A 311 6.27 -17.42 23.16
CA MET A 311 6.31 -17.46 23.18
C MET A 311 5.64 -18.81 23.05
C MET A 311 5.62 -18.80 23.04
N ARG A 312 5.10 -19.33 24.15
CA ARG A 312 4.37 -20.62 24.13
C ARG A 312 2.95 -20.44 23.55
N VAL A 313 2.61 -21.18 22.50
CA VAL A 313 1.32 -21.08 21.84
C VAL A 313 0.80 -22.40 21.38
N MET A 314 -0.40 -22.36 20.87
CA MET A 314 -1.06 -23.54 20.38
C MET A 314 -1.48 -23.37 18.89
N LEU A 315 -1.37 -24.44 18.12
CA LEU A 315 -1.80 -24.53 16.76
C LEU A 315 -2.87 -25.60 16.58
N PHE A 316 -3.92 -25.22 15.87
CA PHE A 316 -5.11 -26.04 15.66
C PHE A 316 -5.60 -25.97 14.19
N THR A 317 -5.86 -27.12 13.55
CA THR A 317 -6.44 -27.18 12.16
C THR A 317 -7.84 -27.86 12.10
N HIS A 318 -8.71 -27.38 11.21
CA HIS A 318 -10.03 -28.01 11.02
C HIS A 318 -10.59 -27.52 9.67
N PRO A 319 -11.22 -28.37 8.86
CA PRO A 319 -11.83 -27.88 7.60
C PRO A 319 -13.08 -27.10 7.85
N LEU A 320 -13.42 -26.15 6.98
CA LEU A 320 -14.64 -25.37 7.12
C LEU A 320 -15.88 -26.08 6.63
N ASN A 321 -15.70 -27.01 5.70
CA ASN A 321 -16.79 -27.85 5.27
C ASN A 321 -17.97 -27.07 4.66
N PHE A 322 -17.71 -26.11 3.75
CA PHE A 322 -18.76 -25.40 2.99
C PHE A 322 -19.60 -26.40 2.19
N LYS A 323 -19.00 -27.49 1.70
CA LYS A 323 -19.80 -28.47 0.90
C LYS A 323 -20.72 -29.37 1.69
N GLY A 324 -20.35 -29.69 2.93
CA GLY A 324 -21.12 -30.56 3.79
C GLY A 324 -20.88 -32.07 3.65
N ARG A 325 -21.64 -32.83 4.44
CA ARG A 325 -21.49 -34.26 4.63
C ARG A 325 -20.00 -34.45 5.01
N TRP A 326 -19.30 -35.45 4.46
CA TRP A 326 -17.89 -35.69 4.89
C TRP A 326 -16.90 -35.10 3.91
N LEU A 327 -17.38 -34.24 3.00
CA LEU A 327 -16.48 -33.64 2.00
C LEU A 327 -15.35 -32.82 2.60
N ARG A 328 -15.70 -31.98 3.56
CA ARG A 328 -14.73 -31.27 4.34
C ARG A 328 -13.64 -30.56 3.60
N ASP A 329 -14.07 -29.68 2.72
CA ASP A 329 -13.24 -28.74 2.04
C ASP A 329 -12.77 -27.63 3.01
N ARG A 330 -11.65 -27.01 2.58
CA ARG A 330 -11.09 -25.79 3.06
C ARG A 330 -10.46 -25.91 4.41
N LEU A 331 -9.33 -26.57 4.43
CA LEU A 331 -8.63 -26.79 5.65
C LEU A 331 -8.04 -25.46 6.20
N ASN A 332 -8.42 -25.10 7.40
N ASN A 332 -8.43 -25.09 7.39
CA ASN A 332 -7.97 -23.84 8.04
CA ASN A 332 -7.96 -23.83 8.03
C ASN A 332 -7.05 -24.05 9.28
C ASN A 332 -7.05 -24.05 9.28
N LEU A 333 -6.12 -23.12 9.52
CA LEU A 333 -5.19 -23.17 10.59
C LEU A 333 -5.41 -21.99 11.52
N TRP A 334 -5.34 -22.27 12.83
CA TRP A 334 -5.60 -21.31 13.87
C TRP A 334 -4.40 -21.28 14.87
N LEU A 335 -4.26 -20.13 15.53
CA LEU A 335 -3.18 -19.81 16.46
C LEU A 335 -3.79 -19.18 17.70
N THR A 336 -3.39 -19.66 18.85
CA THR A 336 -3.91 -19.09 20.05
C THR A 336 -2.93 -19.19 21.22
N ASP A 337 -3.05 -18.25 22.16
CA ASP A 337 -2.30 -18.26 23.41
C ASP A 337 -3.21 -18.57 24.62
N ASN A 338 -4.31 -19.26 24.40
CA ASN A 338 -5.31 -19.52 25.40
C ASN A 338 -6.13 -18.33 25.83
N GLN A 339 -6.04 -17.21 25.08
CA GLN A 339 -6.77 -15.99 25.32
C GLN A 339 -7.28 -15.47 23.96
N ARG A 340 -6.37 -15.07 23.08
CA ARG A 340 -6.71 -14.63 21.74
C ARG A 340 -6.73 -15.82 20.76
N ILE A 341 -7.56 -15.74 19.71
CA ILE A 341 -7.73 -16.81 18.72
C ILE A 341 -7.74 -16.22 17.33
N TYR A 342 -6.66 -16.46 16.61
CA TYR A 342 -6.37 -15.89 15.31
C TYR A 342 -6.46 -16.94 14.18
N ASN A 343 -7.19 -16.56 13.15
CA ASN A 343 -7.28 -17.36 11.91
C ASN A 343 -6.09 -17.06 10.97
N VAL A 344 -5.13 -17.98 10.91
CA VAL A 344 -3.96 -17.82 10.05
C VAL A 344 -4.39 -17.91 8.60
N GLY A 345 -5.33 -18.80 8.31
CA GLY A 345 -5.92 -18.90 6.97
C GLY A 345 -6.10 -20.33 6.45
N GLN A 346 -6.45 -20.45 5.15
CA GLN A 346 -6.67 -21.71 4.42
C GLN A 346 -5.36 -22.31 3.91
N VAL A 347 -5.09 -23.55 4.33
CA VAL A 347 -3.86 -24.28 4.00
C VAL A 347 -4.08 -25.01 2.67
N SER A 348 -5.27 -25.57 2.48
CA SER A 348 -5.59 -26.33 1.25
C SER A 348 -5.75 -25.35 0.06
N ILE A 349 -5.94 -25.86 -1.13
CA ILE A 349 -6.02 -25.02 -2.31
C ILE A 349 -7.42 -25.06 -2.93
N GLY A 350 -7.98 -23.87 -3.19
CA GLY A 350 -9.29 -23.73 -3.79
C GLY A 350 -10.44 -24.36 -3.03
N ASP A 351 -11.28 -25.12 -3.74
CA ASP A 351 -12.40 -25.74 -3.14
C ASP A 351 -12.18 -27.27 -3.04
N GLU A 352 -10.92 -27.67 -3.05
CA GLU A 352 -10.61 -29.09 -2.92
C GLU A 352 -11.03 -29.64 -1.55
N ASN A 353 -11.45 -30.89 -1.55
CA ASN A 353 -11.85 -31.60 -0.34
C ASN A 353 -10.59 -31.94 0.45
N SER A 354 -10.55 -31.57 1.73
CA SER A 354 -9.32 -31.67 2.48
C SER A 354 -9.53 -31.78 4.00
N ALA A 355 -9.79 -32.99 4.47
CA ALA A 355 -10.28 -33.14 5.81
C ALA A 355 -9.26 -33.28 6.91
N TYR A 356 -8.58 -34.41 6.99
N TYR A 356 -8.50 -34.35 6.90
CA TYR A 356 -7.60 -34.67 8.04
CA TYR A 356 -7.59 -34.68 7.99
C TYR A 356 -6.20 -34.03 7.78
C TYR A 356 -6.16 -34.12 7.78
N SER A 357 -5.51 -33.69 8.87
CA SER A 357 -4.21 -33.05 8.80
C SER A 357 -3.25 -33.18 10.04
N SER A 358 -2.01 -32.85 9.81
CA SER A 358 -1.02 -32.90 10.82
C SER A 358 -0.03 -31.77 10.65
N VAL A 359 0.11 -30.93 11.67
CA VAL A 359 1.02 -29.82 11.60
C VAL A 359 2.33 -30.11 12.43
N LEU A 360 3.48 -29.80 11.83
CA LEU A 360 4.79 -29.98 12.43
C LEU A 360 5.64 -28.67 12.35
N TYR A 361 6.21 -28.28 13.50
CA TYR A 361 7.10 -27.10 13.62
C TYR A 361 8.48 -27.67 14.01
N LYS A 362 9.45 -27.55 13.12
CA LYS A 362 10.78 -28.14 13.29
C LYS A 362 11.87 -27.20 12.83
N ASP A 363 12.79 -26.92 13.74
CA ASP A 363 13.89 -26.01 13.45
C ASP A 363 13.35 -24.74 12.77
N ASP A 364 12.29 -24.17 13.30
CA ASP A 364 11.73 -22.89 12.87
C ASP A 364 11.20 -22.90 11.48
N LYS A 365 10.80 -24.08 11.04
CA LYS A 365 10.10 -24.26 9.79
C LYS A 365 8.73 -24.97 10.10
N LEU A 366 7.67 -24.58 9.43
CA LEU A 366 6.33 -25.17 9.61
C LEU A 366 5.91 -26.01 8.41
N TYR A 367 5.36 -27.17 8.66
CA TYR A 367 4.93 -28.07 7.60
C TYR A 367 3.53 -28.59 7.88
N CYS A 368 2.86 -29.03 6.83
CA CYS A 368 1.61 -29.73 7.01
C CYS A 368 1.46 -30.94 6.06
N LEU A 369 1.18 -32.08 6.64
CA LEU A 369 0.79 -33.28 5.87
C LEU A 369 -0.73 -33.35 5.93
N HIS A 370 -1.42 -33.22 4.80
CA HIS A 370 -2.92 -33.24 4.79
C HIS A 370 -3.56 -34.03 3.61
N GLU A 371 -4.83 -34.35 3.73
CA GLU A 371 -5.54 -35.09 2.72
C GLU A 371 -6.01 -34.18 1.62
N ILE A 372 -6.06 -34.73 0.41
CA ILE A 372 -6.90 -34.16 -0.67
C ILE A 372 -7.75 -35.32 -1.19
N ASN A 373 -9.02 -35.07 -1.49
CA ASN A 373 -9.98 -36.10 -1.83
C ASN A 373 -10.73 -35.69 -3.05
N SER A 374 -10.58 -36.50 -4.13
CA SER A 374 -11.38 -36.32 -5.37
C SER A 374 -12.09 -37.69 -5.65
N ASN A 375 -13.44 -37.67 -5.72
CA ASN A 375 -14.22 -38.89 -5.99
C ASN A 375 -13.94 -40.08 -5.03
N GLU A 376 -13.71 -39.74 -3.78
CA GLU A 376 -13.38 -40.68 -2.74
C GLU A 376 -12.10 -41.47 -3.00
N VAL A 377 -11.15 -40.79 -3.63
CA VAL A 377 -9.78 -41.30 -3.86
C VAL A 377 -8.87 -40.25 -3.14
N TYR A 378 -8.05 -40.68 -2.15
CA TYR A 378 -7.38 -39.77 -1.25
C TYR A 378 -5.87 -39.84 -1.38
N SER A 379 -5.24 -38.70 -1.57
CA SER A 379 -3.78 -38.56 -1.49
C SER A 379 -3.43 -37.70 -0.23
N LEU A 380 -2.19 -37.79 0.26
CA LEU A 380 -1.67 -36.87 1.30
C LEU A 380 -0.63 -35.99 0.65
N VAL A 381 -0.85 -34.68 0.69
CA VAL A 381 0.14 -33.72 0.26
C VAL A 381 1.02 -33.26 1.45
N PHE A 382 2.25 -32.90 1.14
CA PHE A 382 3.23 -32.43 2.12
C PHE A 382 3.57 -31.00 1.78
N ALA A 383 3.14 -30.08 2.64
CA ALA A 383 3.25 -28.65 2.35
C ALA A 383 4.22 -27.90 3.19
N ARG A 384 4.91 -26.97 2.57
CA ARG A 384 5.80 -26.09 3.29
C ARG A 384 5.06 -24.79 3.53
N LEU A 385 4.72 -24.55 4.77
CA LEU A 385 3.89 -23.39 5.16
C LEU A 385 4.74 -22.16 5.39
N VAL A 386 5.31 -21.62 4.33
CA VAL A 386 6.21 -20.48 4.48
C VAL A 386 5.47 -19.22 4.78
N GLY A 387 4.42 -18.98 4.02
CA GLY A 387 3.60 -17.83 4.27
C GLY A 387 2.92 -17.80 5.65
N GLU A 388 2.43 -18.99 6.03
CA GLU A 388 1.67 -19.11 7.24
C GLU A 388 2.55 -18.81 8.44
N LEU A 389 3.78 -19.26 8.39
CA LEU A 389 4.69 -18.98 9.49
C LEU A 389 5.07 -17.48 9.57
N ARG A 390 5.19 -16.84 8.41
CA ARG A 390 5.46 -15.43 8.36
C ARG A 390 4.31 -14.68 9.07
N ILE A 391 3.07 -15.01 8.73
CA ILE A 391 1.89 -14.36 9.35
C ILE A 391 1.89 -14.60 10.87
N ILE A 392 2.08 -15.86 11.24
CA ILE A 392 2.09 -16.20 12.65
C ILE A 392 3.08 -15.33 13.43
N LYS A 393 4.28 -15.16 12.90
CA LYS A 393 5.29 -14.44 13.66
C LYS A 393 4.90 -12.93 13.75
N SER A 394 4.25 -12.39 12.74
CA SER A 394 3.79 -11.02 12.79
C SER A 394 2.73 -10.82 13.90
N VAL A 395 1.75 -11.73 13.96
CA VAL A 395 0.70 -11.65 14.98
C VAL A 395 1.29 -11.79 16.39
N LEU A 396 2.21 -12.73 16.56
CA LEU A 396 2.78 -12.93 17.88
C LEU A 396 3.58 -11.71 18.31
N GLN A 397 4.19 -11.01 17.35
CA GLN A 397 4.93 -9.79 17.66
C GLN A 397 3.97 -8.74 18.16
N SER A 398 2.89 -8.55 17.41
CA SER A 398 1.81 -7.67 17.83
C SER A 398 1.34 -8.03 19.27
N TRP A 399 1.09 -9.30 19.55
CA TRP A 399 0.61 -9.66 20.90
C TRP A 399 1.64 -9.25 21.99
N LYS A 400 2.90 -9.50 21.68
CA LYS A 400 3.93 -9.28 22.65
C LYS A 400 4.10 -7.77 22.86
N ASN A 401 4.11 -7.04 21.76
CA ASN A 401 4.31 -5.62 21.80
C ASN A 401 3.22 -4.95 22.66
N TRP A 402 1.95 -5.25 22.41
CA TRP A 402 0.87 -4.60 23.20
C TRP A 402 0.86 -5.06 24.66
N ASP A 403 1.10 -6.34 24.92
CA ASP A 403 1.14 -6.81 26.31
C ASP A 403 2.25 -6.03 27.05
N SER A 404 3.37 -5.83 26.33
CA SER A 404 4.55 -5.14 26.86
C SER A 404 4.24 -3.68 27.16
N HIS A 405 3.59 -3.05 26.20
CA HIS A 405 3.16 -1.66 26.31
C HIS A 405 2.27 -1.56 27.57
N LEU A 406 1.24 -2.39 27.69
CA LEU A 406 0.30 -2.15 28.80
C LEU A 406 0.99 -2.34 30.11
N SER A 407 1.81 -3.38 30.18
CA SER A 407 2.49 -3.76 31.41
C SER A 407 3.62 -2.85 31.82
N SER A 408 4.12 -2.06 30.88
CA SER A 408 5.27 -1.16 31.08
C SER A 408 4.82 0.21 31.67
N ILE A 409 3.52 0.48 31.65
CA ILE A 409 3.01 1.72 32.12
C ILE A 409 3.22 1.85 33.64
N CYS A 410 3.78 2.99 34.05
CA CYS A 410 3.99 3.28 35.45
C CYS A 410 2.69 3.91 35.92
N THR A 411 1.87 3.13 36.62
CA THR A 411 0.53 3.61 37.03
C THR A 411 0.60 4.61 38.22
N PRO A 412 -0.36 5.55 38.19
CA PRO A 412 -0.44 6.61 39.18
C PRO A 412 -0.30 5.99 40.54
N ALA A 413 0.78 6.38 41.21
CA ALA A 413 1.04 5.86 42.54
C ALA A 413 0.02 6.42 43.54
N GLY A 423 6.96 7.21 42.03
CA GLY A 423 7.01 5.74 42.06
C GLY A 423 5.78 5.25 41.32
N CYS A 424 5.60 3.93 41.22
CA CYS A 424 4.51 3.38 40.42
C CYS A 424 3.54 2.49 41.22
N GLY A 425 2.26 2.55 40.83
CA GLY A 425 1.21 1.75 41.44
C GLY A 425 1.19 0.38 40.80
N PRO A 426 0.16 -0.41 41.05
CA PRO A 426 0.08 -1.75 40.45
C PRO A 426 0.03 -1.70 38.92
N ALA A 427 0.61 -2.70 38.25
CA ALA A 427 0.55 -2.79 36.79
C ALA A 427 -0.87 -3.00 36.29
N VAL A 428 -1.13 -2.48 35.11
CA VAL A 428 -2.31 -2.74 34.34
C VAL A 428 -2.29 -4.24 34.04
N THR A 429 -3.43 -4.91 34.17
CA THR A 429 -3.40 -6.30 33.94
C THR A 429 -3.62 -6.67 32.47
N THR A 430 -2.77 -7.56 32.00
CA THR A 430 -2.93 -8.21 30.67
C THR A 430 -3.39 -9.67 30.78
N VAL A 431 -3.59 -10.15 31.97
CA VAL A 431 -4.01 -11.52 32.12
C VAL A 431 -5.48 -11.72 31.77
N GLY A 432 -5.71 -12.47 30.70
CA GLY A 432 -7.04 -12.66 30.14
C GLY A 432 -7.55 -11.52 29.25
N LEU A 433 -6.67 -10.61 28.85
CA LEU A 433 -7.00 -9.53 27.91
C LEU A 433 -7.02 -10.10 26.47
N VAL A 434 -8.20 -10.07 25.84
CA VAL A 434 -8.47 -10.75 24.57
C VAL A 434 -8.53 -9.79 23.37
N GLY A 435 -9.05 -8.60 23.62
CA GLY A 435 -9.30 -7.63 22.54
C GLY A 435 -9.16 -6.22 23.03
N PHE A 436 -8.77 -5.32 22.14
CA PHE A 436 -8.48 -3.94 22.54
C PHE A 436 -8.72 -3.00 21.33
N LEU A 437 -9.77 -2.21 21.38
CA LEU A 437 -10.07 -1.22 20.32
C LEU A 437 -9.49 0.13 20.77
N SER A 438 -8.54 0.68 20.03
CA SER A 438 -7.89 1.91 20.39
C SER A 438 -7.66 2.85 19.19
N HIS A 439 -6.43 3.25 18.92
CA HIS A 439 -6.32 4.24 17.87
C HIS A 439 -6.62 3.75 16.43
N SER A 440 -6.13 2.57 16.05
CA SER A 440 -6.28 2.16 14.61
C SER A 440 -7.74 1.91 14.16
N ALA A 441 -8.06 2.39 12.99
CA ALA A 441 -9.36 2.22 12.43
C ALA A 441 -9.35 2.61 10.94
N THR A 442 -10.37 2.10 10.22
CA THR A 442 -10.63 2.40 8.81
C THR A 442 -12.02 2.91 8.69
N LYS A 443 -12.48 3.18 7.46
CA LYS A 443 -13.74 3.89 7.25
C LYS A 443 -14.93 3.16 7.83
N THR A 444 -14.83 1.83 7.88
CA THR A 444 -15.94 1.02 8.37
C THR A 444 -15.56 0.02 9.46
N GLU A 445 -14.30 -0.01 9.89
CA GLU A 445 -13.90 -0.93 10.98
C GLU A 445 -13.13 -0.27 12.11
N TRP A 446 -13.37 -0.73 13.33
CA TRP A 446 -12.54 -0.34 14.48
C TRP A 446 -11.69 -1.60 14.68
N GLU A 447 -10.37 -1.46 14.50
CA GLU A 447 -9.44 -2.59 14.52
C GLU A 447 -8.94 -3.09 15.88
N ASP A 448 -8.92 -4.41 16.03
CA ASP A 448 -8.45 -5.08 17.25
C ASP A 448 -6.97 -4.97 17.22
N ALA A 449 -6.40 -4.39 18.24
CA ALA A 449 -4.96 -4.30 18.28
C ALA A 449 -4.39 -5.69 18.32
N TYR A 450 -5.16 -6.67 18.81
CA TYR A 450 -4.66 -8.04 18.96
C TYR A 450 -4.93 -8.86 17.69
N ARG A 451 -5.54 -8.15 16.72
CA ARG A 451 -5.72 -8.60 15.34
C ARG A 451 -6.62 -9.82 15.08
N CYS A 452 -7.56 -10.11 15.98
CA CYS A 452 -8.33 -11.28 15.78
C CYS A 452 -9.72 -10.93 15.36
N VAL A 453 -10.33 -9.97 16.07
CA VAL A 453 -11.71 -9.59 15.79
C VAL A 453 -11.93 -8.07 15.77
N ASN A 454 -12.26 -7.55 14.62
CA ASN A 454 -12.59 -6.13 14.49
C ASN A 454 -14.04 -5.87 14.73
N ALA A 455 -14.36 -4.63 15.02
CA ALA A 455 -15.75 -4.21 15.15
C ALA A 455 -16.20 -3.40 13.91
N SER A 456 -17.45 -3.56 13.47
CA SER A 456 -17.91 -2.83 12.34
C SER A 456 -18.47 -1.53 12.89
N THR A 457 -18.45 -0.48 12.08
CA THR A 457 -18.92 0.83 12.51
C THR A 457 -19.83 1.52 11.50
N ALA A 458 -20.57 2.49 12.01
CA ALA A 458 -21.35 3.38 11.19
C ALA A 458 -21.33 4.77 11.87
N ASN A 459 -21.29 5.81 11.02
CA ASN A 459 -21.32 7.22 11.40
C ASN A 459 -20.22 7.53 12.40
N ALA A 460 -19.03 7.03 12.14
CA ALA A 460 -17.93 7.24 13.05
C ALA A 460 -16.87 8.19 12.48
N GLU A 461 -16.33 9.02 13.37
CA GLU A 461 -15.28 9.94 12.97
C GLU A 461 -14.10 9.55 13.83
N ARG A 462 -12.93 9.47 13.25
CA ARG A 462 -11.72 9.10 14.02
C ARG A 462 -11.22 10.22 14.98
N VAL A 463 -10.82 9.83 16.18
CA VAL A 463 -10.25 10.75 17.11
C VAL A 463 -9.15 9.94 17.81
N PRO A 464 -8.30 10.62 18.56
CA PRO A 464 -7.18 9.93 19.15
C PRO A 464 -7.65 8.79 20.04
N ASN A 465 -7.16 7.58 19.76
CA ASN A 465 -7.47 6.38 20.53
C ASN A 465 -8.95 5.97 20.58
N GLY A 466 -9.71 6.32 19.53
CA GLY A 466 -11.10 5.95 19.47
C GLY A 466 -11.91 6.61 18.42
N LEU A 467 -13.20 6.57 18.63
CA LEU A 467 -14.14 7.02 17.64
C LEU A 467 -15.25 7.86 18.28
N LYS A 468 -15.71 8.86 17.53
CA LYS A 468 -16.80 9.75 17.92
C LYS A 468 -17.92 9.44 16.94
N PHE A 469 -19.08 9.25 17.55
CA PHE A 469 -20.24 8.72 16.87
C PHE A 469 -21.40 9.71 16.96
N ALA A 470 -22.29 9.63 15.99
CA ALA A 470 -23.44 10.52 15.99
C ALA A 470 -24.52 10.05 15.08
N GLY A 471 -25.75 10.33 15.46
CA GLY A 471 -26.87 10.08 14.59
C GLY A 471 -27.45 8.68 14.68
N VAL A 472 -28.73 8.62 14.31
CA VAL A 472 -29.49 7.38 14.24
C VAL A 472 -28.70 6.38 13.44
N GLY A 473 -28.53 5.17 13.95
CA GLY A 473 -27.78 4.17 13.20
C GLY A 473 -26.31 4.14 13.55
N GLY A 474 -25.88 5.08 14.37
CA GLY A 474 -24.48 5.13 14.75
C GLY A 474 -24.07 4.14 15.82
N GLY A 475 -22.76 3.87 15.85
CA GLY A 475 -22.11 3.09 16.87
C GLY A 475 -21.23 1.99 16.28
N ALA A 476 -20.73 1.13 17.14
CA ALA A 476 -19.79 0.07 16.75
C ALA A 476 -20.32 -1.28 17.24
N LEU A 477 -20.09 -2.30 16.45
CA LEU A 477 -20.58 -3.64 16.80
C LEU A 477 -19.45 -4.65 16.81
N TRP A 478 -19.24 -5.27 17.94
CA TRP A 478 -18.15 -6.21 18.17
C TRP A 478 -18.83 -7.58 18.24
N PRO A 479 -18.75 -8.37 17.20
CA PRO A 479 -19.57 -9.59 17.11
C PRO A 479 -19.19 -10.70 18.07
N VAL A 480 -20.20 -11.35 18.65
CA VAL A 480 -20.02 -12.51 19.51
C VAL A 480 -20.65 -13.67 18.72
N SER A 481 -21.90 -14.03 18.90
CA SER A 481 -22.42 -15.17 18.14
C SER A 481 -22.39 -14.81 16.65
N GLN A 482 -22.35 -13.49 16.39
CA GLN A 482 -22.35 -13.04 15.01
C GLN A 482 -21.07 -13.39 14.25
N GLN A 483 -20.09 -13.91 14.94
CA GLN A 483 -18.87 -14.34 14.25
C GLN A 483 -19.20 -15.53 13.31
N GLY A 484 -20.34 -16.17 13.54
CA GLY A 484 -20.83 -17.25 12.71
C GLY A 484 -20.19 -18.62 13.11
N GLN A 485 -19.55 -19.25 12.15
CA GLN A 485 -19.07 -20.63 12.27
C GLN A 485 -18.12 -20.78 13.47
N ASN A 486 -17.17 -19.88 13.55
CA ASN A 486 -16.18 -19.92 14.57
C ASN A 486 -16.29 -18.69 15.52
N GLN A 487 -16.52 -18.98 16.80
CA GLN A 487 -16.98 -18.02 17.80
C GLN A 487 -15.98 -17.86 18.85
N ARG A 488 -15.01 -17.02 18.52
CA ARG A 488 -13.90 -16.85 19.39
C ARG A 488 -14.25 -16.18 20.70
N TYR A 489 -15.42 -15.56 20.77
CA TYR A 489 -15.77 -14.87 21.98
C TYR A 489 -16.88 -15.61 22.76
N HIS A 490 -16.93 -16.93 22.60
CA HIS A 490 -17.95 -17.65 23.32
C HIS A 490 -17.61 -17.75 24.80
N PHE A 491 -16.63 -17.07 25.33
CA PHE A 491 -16.39 -17.19 26.74
C PHE A 491 -17.26 -16.23 27.48
N ALA A 492 -17.59 -15.15 26.79
CA ALA A 492 -18.39 -14.09 27.38
C ALA A 492 -19.76 -14.55 27.83
N ASN A 493 -20.22 -15.68 27.31
CA ASN A 493 -21.51 -16.18 27.86
C ASN A 493 -21.37 -16.73 29.27
N HIS A 494 -20.13 -16.88 29.71
CA HIS A 494 -19.84 -17.39 31.06
C HIS A 494 -19.19 -16.37 32.02
N ALA A 495 -18.24 -15.59 31.52
CA ALA A 495 -17.68 -14.48 32.26
C ALA A 495 -16.99 -13.49 31.35
N PHE A 496 -17.20 -12.20 31.63
CA PHE A 496 -16.39 -11.19 30.95
C PHE A 496 -16.28 -9.87 31.73
N THR A 497 -15.34 -9.02 31.33
CA THR A 497 -15.27 -7.66 31.81
C THR A 497 -15.05 -6.82 30.56
N LEU A 498 -15.87 -5.81 30.34
CA LEU A 498 -15.73 -4.98 29.18
C LEU A 498 -15.54 -3.56 29.69
N VAL A 499 -14.53 -2.88 29.19
CA VAL A 499 -14.16 -1.60 29.77
C VAL A 499 -14.08 -0.55 28.69
N ALA A 500 -14.40 0.70 29.04
CA ALA A 500 -14.22 1.83 28.07
C ALA A 500 -14.21 3.19 28.74
N SER A 501 -13.65 4.19 28.06
CA SER A 501 -13.70 5.61 28.50
C SER A 501 -14.72 6.27 27.59
N VAL A 502 -15.71 6.92 28.16
CA VAL A 502 -16.77 7.52 27.35
C VAL A 502 -16.97 9.03 27.72
N THR A 503 -17.33 9.82 26.72
CA THR A 503 -17.63 11.24 26.83
C THR A 503 -18.97 11.50 26.07
N ILE A 504 -19.98 12.02 26.77
CA ILE A 504 -21.25 12.38 26.16
C ILE A 504 -21.27 13.85 25.72
N HIS A 505 -21.56 14.07 24.45
CA HIS A 505 -21.57 15.43 23.90
C HIS A 505 -22.93 16.10 23.88
N GLU A 506 -24.02 15.36 23.91
CA GLU A 506 -25.37 15.99 23.91
C GLU A 506 -26.31 15.27 24.82
N VAL A 507 -27.17 16.02 25.45
CA VAL A 507 -28.19 15.42 26.31
C VAL A 507 -29.11 14.76 25.35
N PRO A 508 -29.52 13.54 25.61
CA PRO A 508 -30.42 12.84 24.68
C PRO A 508 -31.89 13.22 24.92
N LYS A 509 -32.77 12.79 24.03
CA LYS A 509 -34.20 13.04 24.17
C LYS A 509 -34.85 12.07 25.18
N GLY A 510 -34.24 10.90 25.27
CA GLY A 510 -34.66 9.85 26.17
C GLY A 510 -33.51 8.85 26.26
N ALA A 511 -33.60 7.88 27.12
CA ALA A 511 -32.46 7.00 27.33
C ALA A 511 -31.79 6.59 25.98
N SER A 512 -30.44 6.65 25.92
CA SER A 512 -29.66 6.20 24.76
C SER A 512 -28.52 5.31 25.26
N PRO A 513 -28.07 4.39 24.43
CA PRO A 513 -27.05 3.45 24.84
C PRO A 513 -25.64 3.99 24.74
N LEU A 514 -24.73 3.46 25.54
CA LEU A 514 -23.30 3.72 25.47
C LEU A 514 -22.48 2.46 25.25
N LEU A 515 -22.85 1.39 25.94
CA LEU A 515 -22.05 0.18 25.97
C LEU A 515 -22.84 -0.96 26.54
N GLY A 516 -22.71 -2.13 25.95
CA GLY A 516 -23.35 -3.30 26.47
C GLY A 516 -23.13 -4.59 25.68
N ALA A 517 -23.71 -5.64 26.26
CA ALA A 517 -23.78 -6.99 25.68
C ALA A 517 -25.23 -7.29 25.24
N SER A 518 -25.46 -7.48 23.97
CA SER A 518 -26.83 -7.75 23.48
C SER A 518 -27.14 -9.24 23.27
N LEU A 519 -28.36 -9.63 23.60
CA LEU A 519 -28.78 -10.99 23.40
C LEU A 519 -29.47 -11.22 22.06
N ASP A 520 -29.90 -10.16 21.39
CA ASP A 520 -30.52 -10.27 20.08
C ASP A 520 -29.82 -9.40 19.10
N SER A 521 -30.29 -9.40 17.85
CA SER A 521 -29.61 -8.70 16.75
C SER A 521 -29.77 -7.16 16.81
N SER A 522 -30.85 -6.68 17.43
CA SER A 522 -31.10 -5.25 17.47
C SER A 522 -30.47 -4.56 18.65
N GLY A 523 -30.41 -5.25 19.78
CA GLY A 523 -29.87 -4.66 20.98
C GLY A 523 -30.97 -4.35 21.98
N GLY A 524 -32.18 -4.74 21.63
CA GLY A 524 -33.32 -4.48 22.48
C GLY A 524 -33.32 -5.35 23.71
N LYS A 525 -32.86 -6.60 23.56
CA LYS A 525 -32.80 -7.52 24.69
C LYS A 525 -31.36 -7.59 25.11
N LYS A 526 -31.07 -7.04 26.28
CA LYS A 526 -29.70 -6.87 26.72
C LYS A 526 -29.37 -7.80 27.88
N LEU A 527 -28.16 -8.30 27.93
CA LEU A 527 -27.71 -9.09 29.06
C LEU A 527 -27.26 -8.15 30.21
N LEU A 528 -26.46 -7.17 29.85
CA LEU A 528 -25.96 -6.22 30.81
C LEU A 528 -25.53 -5.00 29.99
N GLY A 529 -25.80 -3.82 30.51
CA GLY A 529 -25.39 -2.64 29.77
C GLY A 529 -25.57 -1.33 30.52
N LEU A 530 -25.24 -0.23 29.82
CA LEU A 530 -25.32 1.11 30.36
C LEU A 530 -25.83 2.06 29.33
N SER A 531 -26.85 2.81 29.75
CA SER A 531 -27.44 3.87 28.91
C SER A 531 -27.46 5.16 29.73
N TYR A 532 -27.84 6.29 29.12
CA TYR A 532 -27.85 7.56 29.88
C TYR A 532 -29.04 8.37 29.46
N ASP A 533 -29.59 9.21 30.34
CA ASP A 533 -30.87 9.83 30.04
C ASP A 533 -30.94 11.36 30.14
N LYS A 534 -32.11 11.87 29.79
CA LYS A 534 -32.30 13.32 29.65
C LYS A 534 -32.16 14.11 30.97
N ARG A 535 -32.26 13.39 32.10
CA ARG A 535 -32.17 14.00 33.41
C ARG A 535 -30.79 13.87 34.00
N HIS A 536 -29.79 13.65 33.15
CA HIS A 536 -28.42 13.56 33.60
C HIS A 536 -28.20 12.40 34.56
N GLN A 537 -29.01 11.36 34.40
CA GLN A 537 -28.75 10.17 35.17
C GLN A 537 -28.21 9.01 34.27
N TRP A 538 -27.57 8.04 34.94
CA TRP A 538 -27.14 6.78 34.34
C TRP A 538 -28.32 5.80 34.40
N GLN A 539 -28.38 4.92 33.40
CA GLN A 539 -29.35 3.83 33.37
C GLN A 539 -28.66 2.48 33.19
N PRO A 540 -28.13 1.92 34.26
CA PRO A 540 -27.52 0.61 34.18
C PRO A 540 -28.64 -0.37 33.94
N ILE A 541 -28.40 -1.37 33.10
CA ILE A 541 -29.41 -2.33 32.71
C ILE A 541 -28.96 -3.77 33.08
N TYR A 542 -29.67 -4.41 33.97
CA TYR A 542 -29.34 -5.74 34.43
C TYR A 542 -30.34 -6.74 33.85
N GLY A 543 -29.96 -7.43 32.77
CA GLY A 543 -30.85 -8.37 32.10
C GLY A 543 -32.22 -7.82 31.71
N SER A 544 -33.26 -8.45 32.25
CA SER A 544 -34.64 -8.04 31.96
C SER A 544 -35.22 -7.30 33.14
N THR A 545 -34.43 -7.11 34.18
CA THR A 545 -34.86 -6.37 35.34
C THR A 545 -35.32 -4.96 34.96
N PRO A 546 -36.32 -4.42 35.65
CA PRO A 546 -36.74 -3.04 35.37
C PRO A 546 -35.59 -2.09 35.79
N VAL A 547 -35.39 -1.11 34.93
CA VAL A 547 -34.30 -0.18 35.06
C VAL A 547 -34.63 0.89 36.06
N THR A 548 -33.68 1.15 36.96
CA THR A 548 -33.74 2.25 37.92
C THR A 548 -32.60 3.25 37.67
N PRO A 549 -32.92 4.42 37.16
CA PRO A 549 -31.92 5.46 36.95
C PRO A 549 -31.22 5.86 38.22
N THR A 550 -29.96 6.26 38.16
CA THR A 550 -29.17 6.53 39.37
C THR A 550 -27.96 7.37 39.12
N GLY A 551 -27.33 7.88 40.17
CA GLY A 551 -26.14 8.73 40.05
C GLY A 551 -26.34 9.95 39.14
N SER A 552 -25.24 10.50 38.63
CA SER A 552 -25.29 11.71 37.83
C SER A 552 -24.14 11.83 36.84
N TRP A 553 -24.39 12.38 35.65
CA TRP A 553 -23.31 12.64 34.70
C TRP A 553 -23.31 14.09 34.19
N GLU A 554 -22.15 14.55 33.72
CA GLU A 554 -22.02 15.88 33.12
C GLU A 554 -21.43 15.79 31.71
N MET A 555 -21.95 16.63 30.84
CA MET A 555 -21.52 16.70 29.45
C MET A 555 -20.01 16.94 29.36
N GLY A 556 -19.37 16.43 28.33
CA GLY A 556 -17.96 16.65 28.12
C GLY A 556 -16.98 16.01 29.07
N LYS A 557 -17.45 15.49 30.19
CA LYS A 557 -16.54 14.86 31.13
C LYS A 557 -16.26 13.41 30.70
N ARG A 558 -15.02 12.99 30.80
CA ARG A 558 -14.62 11.65 30.40
C ARG A 558 -14.84 10.69 31.59
N TYR A 559 -15.71 9.71 31.39
CA TYR A 559 -16.01 8.73 32.44
C TYR A 559 -15.40 7.36 32.17
N HIS A 560 -14.95 6.65 33.22
CA HIS A 560 -14.46 5.26 33.11
C HIS A 560 -15.59 4.27 33.37
N VAL A 561 -15.88 3.44 32.39
CA VAL A 561 -16.96 2.47 32.51
C VAL A 561 -16.48 1.02 32.49
N VAL A 562 -16.96 0.20 33.41
CA VAL A 562 -16.60 -1.21 33.46
C VAL A 562 -17.86 -2.02 33.64
N LEU A 563 -18.09 -3.01 32.78
CA LEU A 563 -19.20 -3.96 32.95
C LEU A 563 -18.51 -5.31 33.31
N THR A 564 -18.93 -5.93 34.41
CA THR A 564 -18.52 -7.30 34.75
C THR A 564 -19.72 -8.21 34.88
N MET A 565 -19.50 -9.46 34.44
CA MET A 565 -20.47 -10.54 34.56
C MET A 565 -19.68 -11.81 34.87
N ALA A 566 -20.04 -12.49 35.96
CA ALA A 566 -19.48 -13.79 36.31
C ALA A 566 -20.44 -14.38 37.29
N ASN A 567 -20.57 -15.70 37.28
CA ASN A 567 -21.48 -16.39 38.13
C ASN A 567 -22.93 -15.85 38.02
N LYS A 568 -23.30 -15.53 36.79
CA LYS A 568 -24.63 -15.04 36.46
C LYS A 568 -25.03 -13.71 37.12
N ILE A 569 -24.06 -13.00 37.62
CA ILE A 569 -24.33 -11.70 38.25
C ILE A 569 -23.58 -10.58 37.53
N GLY A 570 -24.27 -9.49 37.21
CA GLY A 570 -23.66 -8.35 36.54
C GLY A 570 -23.49 -7.08 37.40
N SER A 571 -22.45 -6.30 37.11
CA SER A 571 -22.16 -5.08 37.85
C SER A 571 -21.73 -4.05 36.87
N VAL A 572 -21.96 -2.80 37.21
CA VAL A 572 -21.62 -1.68 36.35
C VAL A 572 -20.90 -0.74 37.20
N TYR A 573 -19.67 -0.37 36.81
CA TYR A 573 -18.88 0.63 37.58
C TYR A 573 -18.70 1.92 36.75
N ILE A 574 -18.60 3.07 37.45
CA ILE A 574 -18.35 4.41 36.85
C ILE A 574 -17.24 4.96 37.75
N ASP A 575 -16.11 5.26 37.12
CA ASP A 575 -14.97 5.85 37.79
C ASP A 575 -14.55 5.00 38.96
N GLY A 576 -14.53 3.70 38.76
CA GLY A 576 -14.06 2.80 39.78
C GLY A 576 -15.06 2.44 40.86
N GLU A 577 -16.24 3.02 40.77
CA GLU A 577 -17.21 2.78 41.82
C GLU A 577 -18.51 2.15 41.32
N PRO A 578 -18.92 1.09 41.99
CA PRO A 578 -20.15 0.39 41.68
C PRO A 578 -21.38 1.27 41.63
N LEU A 579 -22.14 1.26 40.55
CA LEU A 579 -23.34 2.05 40.55
C LEU A 579 -24.19 1.49 41.64
N GLU A 580 -25.02 2.32 42.24
CA GLU A 580 -25.89 1.82 43.32
C GLU A 580 -26.79 0.74 42.74
N GLY A 581 -26.84 -0.45 43.38
CA GLY A 581 -27.65 -1.58 42.90
C GLY A 581 -26.97 -2.60 41.95
N SER A 582 -25.68 -2.46 41.80
CA SER A 582 -24.93 -3.35 40.96
C SER A 582 -24.81 -4.63 41.77
N GLY A 583 -24.47 -5.75 41.12
CA GLY A 583 -24.38 -7.05 41.79
C GLY A 583 -25.66 -7.89 41.74
N GLN A 584 -26.46 -7.71 40.70
CA GLN A 584 -27.70 -8.45 40.57
C GLN A 584 -27.60 -9.60 39.57
N THR A 585 -28.58 -10.49 39.62
CA THR A 585 -28.69 -11.62 38.69
C THR A 585 -29.11 -11.19 37.33
N VAL A 586 -28.34 -11.60 36.32
CA VAL A 586 -28.69 -11.24 34.95
C VAL A 586 -28.96 -12.51 34.06
N VAL A 587 -28.69 -13.69 34.60
CA VAL A 587 -28.96 -14.94 33.90
C VAL A 587 -29.74 -15.90 34.83
N PRO A 588 -30.92 -16.33 34.45
CA PRO A 588 -31.67 -17.35 35.19
C PRO A 588 -30.80 -18.57 35.25
N ASP A 589 -30.64 -19.12 36.43
CA ASP A 589 -29.66 -20.21 36.62
C ASP A 589 -29.89 -21.47 35.73
N GLU A 590 -31.09 -21.58 35.17
CA GLU A 590 -31.31 -22.69 34.26
C GLU A 590 -30.37 -22.55 33.05
N ARG A 591 -30.59 -21.46 32.30
CA ARG A 591 -29.98 -21.23 31.00
C ARG A 591 -28.58 -20.66 30.93
N THR A 592 -28.06 -20.75 29.72
CA THR A 592 -26.78 -20.21 29.40
C THR A 592 -27.08 -19.21 28.29
N PRO A 593 -26.54 -17.99 28.42
CA PRO A 593 -26.75 -16.95 27.43
C PRO A 593 -26.14 -17.25 26.05
N ASP A 594 -26.68 -16.60 24.99
CA ASP A 594 -26.13 -16.66 23.63
C ASP A 594 -26.02 -15.24 23.16
N ILE A 595 -24.99 -14.54 23.64
CA ILE A 595 -24.73 -13.14 23.27
C ILE A 595 -24.46 -12.94 21.78
N SER A 596 -25.24 -12.03 21.22
CA SER A 596 -25.14 -11.67 19.83
C SER A 596 -23.86 -10.84 19.53
N HIS A 597 -23.70 -9.74 20.24
CA HIS A 597 -22.57 -8.90 20.02
C HIS A 597 -22.44 -7.97 21.21
N PHE A 598 -21.36 -7.23 21.26
CA PHE A 598 -21.25 -6.11 22.18
C PHE A 598 -21.57 -4.89 21.32
N TYR A 599 -22.25 -3.89 21.89
CA TYR A 599 -22.52 -2.64 21.13
C TYR A 599 -21.76 -1.56 21.86
N VAL A 600 -21.27 -0.57 21.12
CA VAL A 600 -20.43 0.46 21.69
C VAL A 600 -20.74 1.78 21.03
N GLY A 601 -21.05 2.78 21.82
CA GLY A 601 -21.29 4.11 21.28
C GLY A 601 -22.60 4.30 20.53
N GLY A 602 -23.51 3.35 20.71
CA GLY A 602 -24.78 3.34 20.04
C GLY A 602 -25.09 1.90 19.73
N TYR A 603 -26.15 1.66 18.94
CA TYR A 603 -26.49 0.26 18.60
C TYR A 603 -25.94 -0.15 17.25
N LYS A 604 -25.55 0.83 16.46
CA LYS A 604 -25.23 0.59 15.06
C LYS A 604 -26.42 -0.01 14.35
N ARG A 605 -27.62 0.40 14.74
CA ARG A 605 -28.84 -0.06 14.06
C ARG A 605 -29.73 1.11 13.70
N SER A 606 -29.97 1.24 12.38
CA SER A 606 -30.85 2.30 11.83
C SER A 606 -32.29 2.06 12.23
N GLY A 607 -32.62 0.81 12.47
CA GLY A 607 -33.94 0.45 12.95
C GLY A 607 -34.20 0.89 14.37
N MET A 608 -33.16 1.18 15.13
CA MET A 608 -33.30 1.67 16.49
C MET A 608 -33.33 3.22 16.45
N PRO A 609 -34.28 3.84 17.12
CA PRO A 609 -34.49 5.28 17.02
C PRO A 609 -33.54 6.18 17.84
N THR A 610 -32.62 5.59 18.61
CA THR A 610 -31.73 6.38 19.47
C THR A 610 -30.64 7.06 18.67
N ASP A 611 -30.15 8.16 19.23
CA ASP A 611 -29.10 8.96 18.64
C ASP A 611 -28.08 9.25 19.74
N SER A 612 -27.06 8.41 19.84
CA SER A 612 -26.00 8.58 20.81
C SER A 612 -24.89 9.45 20.27
N ARG A 613 -24.66 10.61 20.89
CA ARG A 613 -23.61 11.51 20.47
C ARG A 613 -22.56 11.39 21.50
N VAL A 614 -21.62 10.50 21.24
CA VAL A 614 -20.61 10.19 22.23
C VAL A 614 -19.27 9.83 21.61
N THR A 615 -18.22 10.06 22.38
CA THR A 615 -16.88 9.61 22.01
C THR A 615 -16.47 8.43 22.89
N VAL A 616 -16.01 7.34 22.25
CA VAL A 616 -15.54 6.17 23.04
C VAL A 616 -14.08 5.93 22.73
N ASN A 617 -13.26 5.82 23.76
CA ASN A 617 -11.81 5.48 23.60
C ASN A 617 -11.43 4.22 24.39
N ASN A 618 -10.46 3.50 23.87
CA ASN A 618 -9.79 2.42 24.62
C ASN A 618 -10.68 1.36 25.23
N VAL A 619 -11.32 0.58 24.35
CA VAL A 619 -12.21 -0.50 24.74
C VAL A 619 -11.42 -1.79 24.94
N LEU A 620 -11.51 -2.37 26.14
CA LEU A 620 -10.86 -3.61 26.45
C LEU A 620 -11.87 -4.75 26.79
N LEU A 621 -11.58 -5.97 26.33
CA LEU A 621 -12.38 -7.16 26.66
C LEU A 621 -11.48 -8.24 27.33
N TYR A 622 -11.85 -8.61 28.53
CA TYR A 622 -11.18 -9.65 29.31
C TYR A 622 -12.10 -10.85 29.42
N ASN A 623 -11.51 -12.02 29.49
CA ASN A 623 -12.27 -13.28 29.58
C ASN A 623 -12.51 -13.73 31.05
N ARG A 624 -12.51 -12.76 31.96
CA ARG A 624 -12.84 -13.01 33.37
C ARG A 624 -13.39 -11.76 34.05
N GLN A 625 -13.85 -11.91 35.30
CA GLN A 625 -14.19 -10.74 36.11
C GLN A 625 -13.01 -10.10 36.78
N LEU A 626 -12.69 -8.87 36.43
CA LEU A 626 -11.57 -8.19 37.09
C LEU A 626 -11.87 -7.98 38.60
N ASN A 627 -10.81 -7.96 39.41
CA ASN A 627 -11.02 -7.69 40.83
C ASN A 627 -10.94 -6.15 41.08
N ALA A 628 -11.18 -5.77 42.32
CA ALA A 628 -11.26 -4.37 42.71
C ALA A 628 -9.97 -3.57 42.39
N GLU A 629 -8.81 -4.10 42.76
CA GLU A 629 -7.56 -3.46 42.50
C GLU A 629 -7.34 -3.24 41.03
N GLU A 630 -7.61 -4.28 40.26
CA GLU A 630 -7.50 -4.22 38.80
C GLU A 630 -8.41 -3.17 38.18
N ILE A 631 -9.60 -3.11 38.71
CA ILE A 631 -10.55 -2.15 38.20
C ILE A 631 -10.08 -0.74 38.52
N ARG A 632 -9.54 -0.55 39.70
CA ARG A 632 -9.10 0.77 40.13
C ARG A 632 -7.88 1.28 39.38
N THR A 633 -7.00 0.36 39.02
CA THR A 633 -5.82 0.67 38.22
C THR A 633 -6.16 1.13 36.78
N LEU A 634 -7.07 0.41 36.13
CA LEU A 634 -7.52 0.81 34.81
C LEU A 634 -8.16 2.20 34.91
N PHE A 635 -9.00 2.43 35.91
CA PHE A 635 -9.56 3.78 36.08
C PHE A 635 -8.48 4.86 36.18
N LEU A 636 -7.43 4.63 36.99
CA LEU A 636 -6.38 5.63 37.22
C LEU A 636 -5.43 5.86 36.04
N SER A 637 -5.33 4.87 35.15
CA SER A 637 -4.41 4.94 34.03
C SER A 637 -5.11 5.12 32.69
N GLN A 638 -6.37 5.57 32.70
CA GLN A 638 -7.13 5.86 31.48
C GLN A 638 -6.43 6.59 30.37
N ASP A 639 -5.73 7.66 30.75
CA ASP A 639 -5.06 8.49 29.77
C ASP A 639 -3.72 7.97 29.40
N LEU A 640 -3.33 6.77 29.85
CA LEU A 640 -2.02 6.24 29.49
C LEU A 640 -2.04 5.00 28.64
N ILE A 641 -3.19 4.43 28.36
CA ILE A 641 -3.19 3.11 27.73
C ILE A 641 -3.35 3.12 26.22
N GLY A 642 -3.65 4.24 25.61
CA GLY A 642 -3.86 4.30 24.17
C GLY A 642 -2.68 3.96 23.28
N THR A 643 -2.99 3.47 22.09
CA THR A 643 -2.02 3.07 21.09
C THR A 643 -1.55 4.20 20.19
N GLU A 644 -2.21 5.36 20.14
CA GLU A 644 -1.80 6.41 19.18
C GLU A 644 -0.32 6.71 19.12
N ALA A 645 0.29 6.89 20.28
CA ALA A 645 1.68 7.33 20.35
C ALA A 645 2.76 6.28 20.12
N HIS A 646 2.39 5.06 19.82
CA HIS A 646 3.43 4.05 19.70
C HIS A 646 3.45 3.21 18.48
N MET A 647 2.92 3.67 17.34
CA MET A 647 2.90 2.76 16.16
C MET A 647 3.91 3.13 15.04
N ALA B 16 10.65 27.17 1.97
CA ALA B 16 11.79 28.02 1.51
C ALA B 16 12.06 29.10 2.57
N PRO B 17 13.32 29.28 3.01
CA PRO B 17 13.61 30.23 4.10
C PRO B 17 13.40 31.67 3.76
N GLY B 18 12.80 32.38 4.70
CA GLY B 18 12.48 33.76 4.53
C GLY B 18 11.10 33.89 3.88
N SER B 19 10.61 32.84 3.23
CA SER B 19 9.32 32.91 2.51
C SER B 19 8.10 32.83 3.46
N SER B 20 6.93 33.35 3.09
CA SER B 20 5.73 33.33 3.98
C SER B 20 4.44 33.42 3.14
N ARG B 21 3.28 33.11 3.72
CA ARG B 21 2.03 33.29 3.00
C ARG B 21 0.92 33.64 3.93
N VAL B 22 -0.17 34.08 3.32
CA VAL B 22 -1.44 34.26 3.96
C VAL B 22 -2.51 33.57 3.11
N GLU B 23 -3.61 33.20 3.73
CA GLU B 23 -4.78 32.64 3.04
C GLU B 23 -5.67 33.81 2.60
N LEU B 24 -5.56 34.22 1.34
CA LEU B 24 -6.22 35.42 0.81
C LEU B 24 -7.68 35.30 0.41
N PHE B 25 -7.99 34.23 -0.35
CA PHE B 25 -9.35 33.91 -0.73
C PHE B 25 -9.65 32.70 0.15
N LYS B 26 -10.32 32.94 1.27
CA LYS B 26 -10.47 31.85 2.25
C LYS B 26 -11.77 31.09 2.08
N ARG B 27 -11.65 29.79 1.77
CA ARG B 27 -12.80 28.94 1.50
C ARG B 27 -13.83 29.00 2.68
N GLN B 28 -15.12 28.93 2.36
CA GLN B 28 -16.19 28.98 3.33
C GLN B 28 -16.04 30.17 4.31
N SER B 29 -15.39 31.27 3.91
CA SER B 29 -15.21 32.39 4.83
C SER B 29 -15.29 33.72 4.16
N SER B 30 -14.40 33.97 3.19
CA SER B 30 -14.37 35.21 2.48
C SER B 30 -15.71 35.45 1.72
N LYS B 31 -16.14 36.70 1.64
CA LYS B 31 -17.37 37.10 0.92
C LYS B 31 -17.04 37.97 -0.31
N VAL B 32 -17.99 38.00 -1.22
CA VAL B 32 -17.92 38.76 -2.43
C VAL B 32 -19.31 39.41 -2.70
N PRO B 33 -19.34 40.51 -3.42
CA PRO B 33 -20.58 41.25 -3.75
C PRO B 33 -21.37 40.57 -4.88
N PHE B 34 -22.22 39.65 -4.46
CA PHE B 34 -23.07 38.86 -5.33
C PHE B 34 -24.28 39.65 -5.79
N GLU B 35 -24.29 40.04 -7.06
CA GLU B 35 -25.34 40.87 -7.61
C GLU B 35 -26.38 40.05 -8.36
N LYS B 36 -27.65 40.19 -7.94
CA LYS B 36 -28.79 39.60 -8.69
C LYS B 36 -30.00 40.50 -8.69
N ASP B 37 -30.63 40.57 -9.86
CA ASP B 37 -31.80 41.45 -10.06
C ASP B 37 -31.65 42.81 -9.37
N GLY B 38 -30.51 43.45 -9.55
CA GLY B 38 -30.29 44.78 -9.00
C GLY B 38 -30.09 44.91 -7.48
N LYS B 39 -29.86 43.82 -6.78
CA LYS B 39 -29.55 43.92 -5.37
C LYS B 39 -28.17 43.28 -5.13
N VAL B 40 -27.31 43.91 -4.33
CA VAL B 40 -26.05 43.31 -4.01
C VAL B 40 -26.02 42.80 -2.57
N THR B 41 -25.57 41.57 -2.38
CA THR B 41 -25.44 41.00 -1.06
C THR B 41 -24.04 40.38 -0.87
N GLU B 42 -23.43 40.61 0.29
CA GLU B 42 -22.16 40.01 0.62
C GLU B 42 -22.35 38.50 0.86
N ARG B 43 -21.86 37.67 -0.04
CA ARG B 43 -22.13 36.22 -0.02
C ARG B 43 -20.87 35.37 0.15
N VAL B 44 -20.92 34.45 1.10
CA VAL B 44 -19.84 33.54 1.35
C VAL B 44 -19.68 32.57 0.20
N VAL B 45 -18.42 32.25 -0.10
CA VAL B 45 -18.07 31.41 -1.23
C VAL B 45 -17.41 30.11 -0.74
N HIS B 46 -17.89 28.98 -1.24
CA HIS B 46 -17.41 27.64 -0.87
C HIS B 46 -15.99 27.43 -1.30
N SER B 47 -15.67 27.64 -2.58
CA SER B 47 -14.30 27.41 -3.07
C SER B 47 -13.82 28.50 -4.06
N PHE B 48 -12.52 28.78 -4.01
CA PHE B 48 -11.84 29.69 -4.91
C PHE B 48 -10.81 28.86 -5.72
N ARG B 49 -10.86 28.93 -7.05
CA ARG B 49 -9.98 28.16 -7.95
C ARG B 49 -9.54 29.01 -9.11
N LEU B 50 -8.58 28.49 -9.89
N LEU B 50 -8.57 28.50 -9.89
CA LEU B 50 -8.09 29.13 -11.14
CA LEU B 50 -8.13 29.15 -11.15
C LEU B 50 -7.49 30.55 -10.98
C LEU B 50 -7.49 30.55 -10.98
N PRO B 51 -6.42 30.62 -10.19
CA PRO B 51 -5.76 31.88 -9.91
C PRO B 51 -5.03 32.53 -11.14
N ALA B 52 -5.03 33.85 -11.12
CA ALA B 52 -4.34 34.65 -12.12
C ALA B 52 -3.92 35.92 -11.43
N LEU B 53 -2.62 36.17 -11.32
CA LEU B 53 -2.03 37.25 -10.55
C LEU B 53 -1.18 38.15 -11.46
N VAL B 54 -1.55 39.42 -11.57
CA VAL B 54 -0.87 40.34 -12.48
C VAL B 54 -0.63 41.70 -11.83
N ASN B 55 0.18 42.47 -12.51
CA ASN B 55 0.49 43.80 -12.09
C ASN B 55 -0.02 44.79 -13.15
N VAL B 56 -0.95 45.69 -12.80
CA VAL B 56 -1.38 46.74 -13.73
C VAL B 56 -0.92 48.10 -13.18
N ASP B 57 0.14 48.69 -13.76
CA ASP B 57 0.53 50.06 -13.41
C ASP B 57 0.80 50.19 -11.91
N GLY B 58 1.35 49.12 -11.29
CA GLY B 58 1.67 49.17 -9.87
C GLY B 58 0.62 48.61 -8.93
N VAL B 59 -0.59 48.36 -9.44
CA VAL B 59 -1.65 47.76 -8.65
C VAL B 59 -1.65 46.25 -8.86
N MET B 60 -1.56 45.45 -7.80
N MET B 60 -1.60 45.47 -7.80
CA MET B 60 -1.66 43.99 -7.97
CA MET B 60 -1.65 44.00 -7.90
C MET B 60 -3.12 43.62 -8.07
C MET B 60 -3.11 43.60 -8.05
N VAL B 61 -3.42 42.75 -9.02
CA VAL B 61 -4.78 42.31 -9.24
C VAL B 61 -4.80 40.77 -9.25
N ALA B 62 -5.67 40.18 -8.43
CA ALA B 62 -5.84 38.74 -8.37
C ALA B 62 -7.25 38.35 -8.86
N ILE B 63 -7.35 37.49 -9.87
CA ILE B 63 -8.59 37.08 -10.52
C ILE B 63 -8.72 35.59 -10.35
N ALA B 64 -9.95 35.14 -10.14
CA ALA B 64 -10.19 33.76 -9.85
C ALA B 64 -11.65 33.45 -10.03
N ASP B 65 -11.95 32.14 -10.05
CA ASP B 65 -13.34 31.63 -10.00
C ASP B 65 -13.83 31.77 -8.56
N ALA B 66 -15.07 32.23 -8.35
CA ALA B 66 -15.74 32.18 -7.03
C ALA B 66 -16.80 31.15 -7.19
N ARG B 67 -16.50 29.93 -6.73
CA ARG B 67 -17.43 28.83 -6.89
C ARG B 67 -18.34 28.79 -5.63
N TYR B 68 -19.49 29.42 -5.75
CA TYR B 68 -20.36 29.66 -4.58
C TYR B 68 -20.81 28.50 -3.75
N GLU B 69 -21.23 27.41 -4.35
CA GLU B 69 -21.91 26.36 -3.57
C GLU B 69 -21.18 25.04 -3.42
N THR B 70 -20.16 24.85 -4.29
CA THR B 70 -19.42 23.62 -4.40
C THR B 70 -18.23 23.83 -5.37
N SER B 71 -17.19 23.02 -5.23
CA SER B 71 -16.02 23.10 -6.09
C SER B 71 -16.25 22.37 -7.42
N PHE B 72 -17.34 21.65 -7.53
CA PHE B 72 -17.69 20.92 -8.81
C PHE B 72 -17.63 21.85 -10.03
N ASP B 73 -17.07 21.39 -11.16
CA ASP B 73 -16.85 22.30 -12.28
C ASP B 73 -18.12 22.93 -12.85
N ASN B 74 -19.21 22.20 -12.84
CA ASN B 74 -20.39 22.68 -13.51
C ASN B 74 -21.40 23.11 -12.43
N SER B 75 -21.14 24.26 -11.80
CA SER B 75 -21.91 24.86 -10.72
C SER B 75 -21.90 26.37 -10.83
N LEU B 76 -22.52 27.04 -9.89
CA LEU B 76 -22.63 28.50 -9.92
C LEU B 76 -21.32 29.17 -9.69
N ILE B 77 -20.79 29.82 -10.74
CA ILE B 77 -19.48 30.51 -10.69
C ILE B 77 -19.47 31.97 -11.20
N ASP B 78 -18.97 32.91 -10.40
CA ASP B 78 -18.67 34.26 -10.88
C ASP B 78 -17.14 34.43 -10.91
N THR B 79 -16.66 35.37 -11.72
CA THR B 79 -15.27 35.77 -11.73
C THR B 79 -14.99 36.92 -10.70
N VAL B 80 -14.17 36.65 -9.72
CA VAL B 80 -13.85 37.56 -8.60
C VAL B 80 -12.56 38.21 -8.87
N ALA B 81 -12.44 39.47 -8.43
CA ALA B 81 -11.19 40.18 -8.52
C ALA B 81 -10.88 40.81 -7.16
N LYS B 82 -9.66 40.63 -6.66
CA LYS B 82 -9.18 41.35 -5.49
C LYS B 82 -8.02 42.23 -6.02
N TYR B 83 -7.87 43.46 -5.50
CA TYR B 83 -6.78 44.34 -5.93
C TYR B 83 -6.11 45.09 -4.77
N SER B 84 -4.84 45.30 -4.88
CA SER B 84 -4.08 45.91 -3.81
C SER B 84 -3.06 46.93 -4.27
N VAL B 85 -2.94 48.08 -3.57
CA VAL B 85 -1.91 49.08 -3.93
C VAL B 85 -0.65 49.00 -3.07
N ASP B 86 -0.64 48.13 -2.07
CA ASP B 86 0.50 47.95 -1.21
C ASP B 86 1.10 46.56 -1.26
N ASP B 87 1.29 46.02 -2.46
CA ASP B 87 1.92 44.71 -2.64
C ASP B 87 1.35 43.59 -1.77
N GLY B 88 0.05 43.61 -1.61
CA GLY B 88 -0.68 42.50 -1.03
C GLY B 88 -0.86 42.53 0.46
N GLU B 89 -0.58 43.65 1.11
CA GLU B 89 -0.84 43.68 2.51
C GLU B 89 -2.31 43.91 2.73
N THR B 90 -2.91 44.75 1.89
CA THR B 90 -4.34 44.99 2.01
C THR B 90 -5.01 44.95 0.63
N TRP B 91 -6.27 44.48 0.61
CA TRP B 91 -7.02 44.21 -0.60
C TRP B 91 -8.49 44.68 -0.53
N GLU B 92 -8.99 45.10 -1.69
CA GLU B 92 -10.39 45.38 -1.96
C GLU B 92 -10.91 44.18 -2.80
N THR B 93 -12.21 43.91 -2.75
CA THR B 93 -12.84 42.76 -3.40
C THR B 93 -14.02 43.18 -4.31
N GLN B 94 -14.10 42.64 -5.52
CA GLN B 94 -15.27 42.94 -6.33
C GLN B 94 -15.63 41.71 -7.24
N ILE B 95 -16.77 41.74 -7.94
CA ILE B 95 -17.02 40.73 -8.94
C ILE B 95 -16.68 41.36 -10.30
N ALA B 96 -15.73 40.78 -11.03
CA ALA B 96 -15.34 41.32 -12.36
C ALA B 96 -16.36 40.92 -13.38
N ILE B 97 -16.85 39.68 -13.30
CA ILE B 97 -17.80 39.17 -14.33
C ILE B 97 -18.81 38.29 -13.66
N LYS B 98 -20.10 38.57 -13.86
CA LYS B 98 -21.11 37.73 -13.31
C LYS B 98 -21.68 36.77 -14.36
N ASN B 99 -22.05 35.56 -13.97
CA ASN B 99 -22.69 34.62 -14.91
C ASN B 99 -24.13 35.11 -15.30
N SER B 100 -24.84 34.37 -16.13
CA SER B 100 -26.17 34.79 -16.68
C SER B 100 -27.32 34.68 -15.69
N ARG B 101 -27.06 34.00 -14.58
CA ARG B 101 -28.03 33.73 -13.57
C ARG B 101 -29.19 32.90 -14.17
N ALA B 102 -28.98 32.20 -15.26
CA ALA B 102 -30.06 31.40 -15.79
C ALA B 102 -30.50 30.19 -14.95
N SER B 103 -29.61 29.61 -14.18
CA SER B 103 -29.90 28.43 -13.43
C SER B 103 -29.00 28.33 -12.21
N SER B 104 -29.18 27.32 -11.35
CA SER B 104 -28.30 27.12 -10.23
C SER B 104 -26.89 26.69 -10.68
N VAL B 105 -26.64 26.45 -11.98
CA VAL B 105 -25.28 26.08 -12.50
C VAL B 105 -24.73 27.07 -13.56
N SER B 106 -25.35 28.23 -13.64
CA SER B 106 -24.85 29.24 -14.56
C SER B 106 -23.48 29.63 -14.08
N ARG B 107 -22.57 29.70 -15.06
CA ARG B 107 -21.18 29.99 -14.75
C ARG B 107 -20.34 30.72 -15.85
N VAL B 108 -19.40 31.57 -15.44
CA VAL B 108 -18.34 32.03 -16.35
C VAL B 108 -17.14 31.27 -15.88
N VAL B 109 -16.36 30.72 -16.84
CA VAL B 109 -15.29 29.77 -16.52
C VAL B 109 -13.91 30.00 -17.19
N ASP B 110 -12.88 29.38 -16.59
CA ASP B 110 -11.54 29.49 -17.10
C ASP B 110 -11.17 30.95 -17.44
N PRO B 111 -11.33 31.87 -16.50
CA PRO B 111 -10.96 33.27 -16.75
C PRO B 111 -9.46 33.37 -17.07
N THR B 112 -9.19 33.99 -18.21
CA THR B 112 -7.84 34.16 -18.75
C THR B 112 -7.56 35.68 -18.92
N VAL B 113 -6.46 36.11 -18.36
CA VAL B 113 -6.21 37.51 -18.24
C VAL B 113 -5.01 37.97 -19.05
N ILE B 114 -5.19 39.14 -19.66
CA ILE B 114 -4.14 39.91 -20.34
C ILE B 114 -4.16 41.34 -19.84
N VAL B 115 -2.95 41.87 -19.67
CA VAL B 115 -2.71 43.25 -19.26
C VAL B 115 -2.11 44.09 -20.36
N LYS B 116 -2.74 45.20 -20.69
CA LYS B 116 -2.17 46.12 -21.64
C LYS B 116 -2.46 47.55 -21.15
N GLY B 117 -1.42 48.28 -20.81
CA GLY B 117 -1.61 49.63 -20.31
C GLY B 117 -2.37 49.53 -18.97
N ASN B 118 -3.45 50.29 -18.82
N ASN B 118 -3.45 50.27 -18.82
CA ASN B 118 -4.20 50.23 -17.58
CA ASN B 118 -4.20 50.23 -17.56
C ASN B 118 -5.44 49.36 -17.71
C ASN B 118 -5.43 49.35 -17.71
N LYS B 119 -5.43 48.49 -18.71
CA LYS B 119 -6.60 47.66 -18.93
C LYS B 119 -6.37 46.15 -18.69
N LEU B 120 -7.36 45.52 -18.04
CA LEU B 120 -7.41 44.08 -17.83
C LEU B 120 -8.40 43.49 -18.87
N TYR B 121 -7.94 42.60 -19.74
CA TYR B 121 -8.82 41.89 -20.66
C TYR B 121 -9.02 40.52 -20.03
N VAL B 122 -10.27 40.17 -19.67
CA VAL B 122 -10.62 38.87 -19.14
C VAL B 122 -11.59 38.05 -20.05
N LEU B 123 -11.10 36.92 -20.54
CA LEU B 123 -11.81 36.03 -21.49
C LEU B 123 -12.41 34.86 -20.77
N VAL B 124 -13.72 34.68 -20.82
CA VAL B 124 -14.36 33.57 -20.13
C VAL B 124 -15.35 32.83 -21.02
N GLY B 125 -15.43 31.54 -20.85
CA GLY B 125 -16.52 30.78 -21.43
C GLY B 125 -17.76 31.05 -20.53
N SER B 126 -18.99 30.96 -21.11
CA SER B 126 -20.22 31.18 -20.33
C SER B 126 -21.16 30.06 -20.58
N TYR B 127 -21.68 29.44 -19.52
CA TYR B 127 -22.62 28.33 -19.67
C TYR B 127 -23.90 28.59 -18.83
N ASN B 128 -25.06 28.18 -19.35
CA ASN B 128 -26.32 28.49 -18.69
C ASN B 128 -26.88 27.42 -17.76
N SER B 129 -26.91 26.14 -18.21
CA SER B 129 -27.60 25.04 -17.48
C SER B 129 -27.02 23.66 -17.46
N SER B 130 -25.96 23.40 -18.24
CA SER B 130 -25.49 22.01 -18.39
C SER B 130 -24.80 21.52 -17.13
N ARG B 131 -24.92 20.22 -16.87
CA ARG B 131 -24.29 19.61 -15.73
C ARG B 131 -23.07 18.75 -16.06
N SER B 132 -22.73 18.71 -17.34
CA SER B 132 -21.64 17.92 -17.90
C SER B 132 -20.47 18.74 -18.40
N TYR B 133 -19.29 18.15 -18.40
CA TYR B 133 -18.06 18.75 -18.87
C TYR B 133 -18.09 19.19 -20.37
N TRP B 134 -17.70 20.44 -20.61
CA TRP B 134 -17.68 21.07 -21.95
C TRP B 134 -17.28 20.18 -23.11
N THR B 135 -16.18 19.45 -22.97
N THR B 135 -16.19 19.45 -22.95
CA THR B 135 -15.73 18.60 -24.09
CA THR B 135 -15.71 18.57 -24.00
C THR B 135 -16.63 17.44 -24.36
C THR B 135 -16.65 17.45 -24.37
N SER B 136 -17.59 17.17 -23.47
CA SER B 136 -18.55 16.06 -23.69
C SER B 136 -19.76 16.54 -24.53
N HIS B 137 -19.96 17.85 -24.61
CA HIS B 137 -21.08 18.42 -25.37
C HIS B 137 -21.18 17.99 -26.87
N GLY B 138 -22.36 17.60 -27.28
CA GLY B 138 -22.52 17.25 -28.69
C GLY B 138 -22.81 18.48 -29.52
N ASP B 139 -23.12 19.60 -28.87
CA ASP B 139 -23.43 20.81 -29.60
C ASP B 139 -23.02 22.03 -28.80
N ALA B 140 -23.30 23.23 -29.30
CA ALA B 140 -22.89 24.52 -28.66
C ALA B 140 -24.06 25.34 -28.11
N ARG B 141 -25.15 24.67 -27.77
CA ARG B 141 -26.32 25.42 -27.40
C ARG B 141 -26.28 26.06 -26.04
N ASP B 142 -25.52 25.46 -25.11
CA ASP B 142 -25.31 26.02 -23.75
C ASP B 142 -24.15 27.02 -23.65
N TRP B 143 -23.40 27.22 -24.75
CA TRP B 143 -22.13 27.96 -24.75
C TRP B 143 -22.08 29.36 -25.41
N ASP B 144 -21.28 30.24 -24.78
CA ASP B 144 -20.85 31.52 -25.35
C ASP B 144 -19.47 31.78 -24.86
N ILE B 145 -18.85 32.76 -25.48
CA ILE B 145 -17.48 33.13 -25.21
C ILE B 145 -17.49 34.66 -25.13
N LEU B 146 -17.09 35.13 -23.95
CA LEU B 146 -17.20 36.54 -23.57
C LEU B 146 -15.88 37.19 -23.22
N LEU B 147 -15.84 38.47 -23.56
CA LEU B 147 -14.70 39.31 -23.20
C LEU B 147 -15.16 40.51 -22.41
N ALA B 148 -14.55 40.70 -21.27
CA ALA B 148 -14.79 41.89 -20.40
C ALA B 148 -13.51 42.65 -20.15
N VAL B 149 -13.59 43.97 -20.03
CA VAL B 149 -12.43 44.84 -19.82
C VAL B 149 -12.56 45.63 -18.55
N GLY B 150 -11.48 45.64 -17.78
CA GLY B 150 -11.46 46.33 -16.53
C GLY B 150 -10.50 47.48 -16.70
N GLU B 151 -10.92 48.70 -16.36
N GLU B 151 -10.92 48.69 -16.36
CA GLU B 151 -10.05 49.87 -16.44
CA GLU B 151 -10.05 49.84 -16.45
C GLU B 151 -9.60 50.22 -15.03
C GLU B 151 -9.60 50.23 -15.03
N VAL B 152 -8.28 50.21 -14.82
CA VAL B 152 -7.71 50.53 -13.56
C VAL B 152 -7.28 52.00 -13.54
N THR B 153 -7.77 52.75 -12.56
CA THR B 153 -7.27 54.11 -12.34
C THR B 153 -6.73 54.26 -10.93
N LYS B 154 -5.82 55.23 -10.76
CA LYS B 154 -5.19 55.54 -9.48
C LYS B 154 -5.33 57.01 -9.08
N SER B 155 -5.40 57.29 -7.78
CA SER B 155 -5.48 58.67 -7.33
C SER B 155 -4.53 58.85 -6.19
N THR B 156 -3.96 60.06 -6.10
CA THR B 156 -3.06 60.47 -5.02
C THR B 156 -3.74 61.45 -4.07
N ALA B 157 -5.04 61.60 -4.17
CA ALA B 157 -5.72 62.50 -3.25
C ALA B 157 -5.53 62.09 -1.80
N GLY B 158 -5.33 63.09 -0.93
CA GLY B 158 -5.17 62.86 0.51
C GLY B 158 -3.77 62.38 0.86
N GLY B 159 -2.83 62.52 -0.05
CA GLY B 159 -1.48 62.06 0.27
C GLY B 159 -1.32 60.53 0.28
N LYS B 160 -2.25 59.84 -0.35
CA LYS B 160 -2.20 58.38 -0.38
C LYS B 160 -2.55 57.83 -1.79
N ILE B 161 -2.13 56.59 -2.09
CA ILE B 161 -2.56 55.94 -3.32
C ILE B 161 -3.84 55.19 -3.15
N THR B 162 -4.82 55.53 -3.96
CA THR B 162 -6.06 54.82 -3.99
C THR B 162 -6.30 54.25 -5.40
N ALA B 163 -6.62 52.96 -5.54
CA ALA B 163 -6.99 52.47 -6.88
C ALA B 163 -8.48 52.18 -7.03
N SER B 164 -8.96 52.12 -8.27
N SER B 164 -8.95 52.13 -8.28
CA SER B 164 -10.31 51.68 -8.55
CA SER B 164 -10.33 51.76 -8.60
C SER B 164 -10.35 51.00 -9.94
C SER B 164 -10.28 50.94 -9.91
N ILE B 165 -11.19 49.97 -10.05
CA ILE B 165 -11.30 49.17 -11.25
C ILE B 165 -12.82 49.15 -11.59
N LYS B 166 -13.10 49.61 -12.77
CA LYS B 166 -14.44 49.71 -13.29
C LYS B 166 -14.52 48.64 -14.38
N TRP B 167 -15.31 47.62 -14.10
CA TRP B 167 -15.53 46.51 -15.01
C TRP B 167 -16.68 46.81 -15.99
N GLY B 168 -16.37 46.73 -17.26
CA GLY B 168 -17.36 46.96 -18.33
C GLY B 168 -18.22 45.74 -18.56
N SER B 169 -19.29 45.85 -19.33
CA SER B 169 -20.12 44.71 -19.60
C SER B 169 -19.41 43.81 -20.57
N PRO B 170 -19.56 42.51 -20.44
CA PRO B 170 -18.94 41.58 -21.35
C PRO B 170 -19.54 41.65 -22.72
N VAL B 171 -18.66 41.37 -23.70
CA VAL B 171 -19.04 41.29 -25.12
C VAL B 171 -18.83 39.88 -25.66
N SER B 172 -19.82 39.29 -26.35
CA SER B 172 -19.60 37.93 -26.94
C SER B 172 -18.67 37.99 -28.16
N LEU B 173 -17.69 37.10 -28.21
CA LEU B 173 -16.82 36.98 -29.37
C LEU B 173 -17.21 35.85 -30.33
N LYS B 174 -18.41 35.32 -30.17
CA LYS B 174 -18.85 34.20 -30.99
C LYS B 174 -18.78 34.51 -32.45
N GLU B 175 -18.90 35.76 -32.82
CA GLU B 175 -18.91 36.10 -34.25
C GLU B 175 -17.55 35.83 -34.87
N PHE B 176 -16.53 35.64 -34.09
CA PHE B 176 -15.22 35.46 -34.70
C PHE B 176 -14.86 33.99 -34.79
N PHE B 177 -15.78 33.11 -34.37
CA PHE B 177 -15.55 31.64 -34.38
C PHE B 177 -16.06 31.01 -35.66
N PRO B 178 -15.15 30.57 -36.52
CA PRO B 178 -15.53 29.91 -37.77
C PRO B 178 -16.12 28.52 -37.55
N ALA B 179 -17.11 28.26 -38.38
CA ALA B 179 -17.77 26.98 -38.45
C ALA B 179 -16.88 25.79 -38.86
N GLU B 180 -15.84 26.12 -39.62
CA GLU B 180 -14.86 25.14 -40.11
C GLU B 180 -13.44 25.63 -39.92
N MET B 181 -12.56 24.68 -39.60
CA MET B 181 -11.13 24.92 -39.48
C MET B 181 -10.50 23.74 -40.17
N GLU B 182 -9.70 24.08 -41.17
CA GLU B 182 -8.88 23.09 -41.89
C GLU B 182 -9.56 21.78 -42.04
N GLY B 183 -10.75 21.82 -42.61
CA GLY B 183 -11.44 20.54 -42.84
C GLY B 183 -12.41 20.07 -41.75
N MET B 184 -12.18 20.37 -40.47
CA MET B 184 -13.02 19.94 -39.36
C MET B 184 -14.12 20.93 -39.09
N HIS B 185 -15.15 20.47 -38.36
CA HIS B 185 -16.26 21.30 -37.93
C HIS B 185 -16.10 21.67 -36.44
N THR B 186 -16.16 22.97 -36.14
CA THR B 186 -15.96 23.43 -34.78
C THR B 186 -17.15 23.25 -33.88
N ASN B 187 -16.92 23.13 -32.57
CA ASN B 187 -18.04 23.12 -31.61
C ASN B 187 -17.98 24.27 -30.55
N GLN B 188 -16.93 24.30 -29.70
CA GLN B 188 -16.76 25.33 -28.69
C GLN B 188 -15.25 25.72 -28.54
N PHE B 189 -14.96 26.87 -27.88
CA PHE B 189 -13.58 27.14 -27.43
C PHE B 189 -13.58 27.94 -26.13
N LEU B 190 -12.47 27.88 -25.39
CA LEU B 190 -12.22 28.57 -24.10
C LEU B 190 -10.73 28.98 -24.02
N GLY B 191 -10.40 29.94 -23.16
CA GLY B 191 -9.02 30.27 -22.86
C GLY B 191 -8.43 29.11 -22.06
N GLY B 192 -7.11 29.13 -21.87
CA GLY B 192 -6.41 28.11 -21.10
C GLY B 192 -6.31 28.50 -19.65
N ALA B 193 -6.89 29.62 -19.30
CA ALA B 193 -6.83 30.10 -17.90
C ALA B 193 -5.48 30.72 -17.52
N GLY B 194 -5.43 31.35 -16.34
CA GLY B 194 -4.21 32.04 -15.93
C GLY B 194 -3.97 33.35 -16.70
N VAL B 195 -2.70 33.60 -17.09
CA VAL B 195 -2.28 34.86 -17.67
C VAL B 195 -1.69 34.67 -19.05
N ALA B 196 -2.27 35.39 -20.00
CA ALA B 196 -1.80 35.40 -21.38
C ALA B 196 -0.99 36.72 -21.64
N ILE B 197 -0.75 37.09 -22.89
CA ILE B 197 0.16 38.15 -23.20
C ILE B 197 -0.28 39.19 -24.30
N VAL B 198 0.44 40.29 -24.28
CA VAL B 198 0.44 41.22 -25.37
C VAL B 198 1.72 40.83 -26.13
N ALA B 199 1.64 40.50 -27.42
CA ALA B 199 2.88 40.26 -28.16
C ALA B 199 3.71 41.51 -28.45
N SER B 200 4.99 41.30 -28.73
CA SER B 200 5.92 42.36 -29.05
C SER B 200 5.33 43.41 -30.07
N ASN B 201 4.58 42.94 -31.02
CA ASN B 201 3.93 43.84 -31.96
C ASN B 201 2.58 44.46 -31.49
N GLY B 202 2.22 44.31 -30.23
CA GLY B 202 1.00 44.90 -29.69
C GLY B 202 -0.28 44.05 -29.79
N ASN B 203 -0.25 42.99 -30.58
CA ASN B 203 -1.38 42.11 -30.62
C ASN B 203 -1.71 41.48 -29.21
N LEU B 204 -3.00 41.34 -28.94
CA LEU B 204 -3.47 40.56 -27.82
C LEU B 204 -3.45 39.13 -28.30
N VAL B 205 -2.88 38.24 -27.49
CA VAL B 205 -2.72 36.82 -27.85
C VAL B 205 -3.15 35.96 -26.68
N TYR B 206 -4.23 35.23 -26.94
CA TYR B 206 -4.75 34.19 -26.05
C TYR B 206 -4.53 32.83 -26.70
N PRO B 207 -3.79 31.96 -26.05
CA PRO B 207 -3.75 30.58 -26.56
C PRO B 207 -5.08 29.95 -26.21
N VAL B 208 -5.78 29.27 -27.12
CA VAL B 208 -7.08 28.68 -26.73
C VAL B 208 -7.20 27.19 -26.88
N GLN B 209 -8.16 26.61 -26.18
CA GLN B 209 -8.48 25.19 -26.33
C GLN B 209 -9.81 25.16 -27.09
N VAL B 210 -9.88 24.34 -28.15
CA VAL B 210 -11.00 24.25 -29.08
C VAL B 210 -11.43 22.78 -29.25
N THR B 211 -12.74 22.55 -29.35
CA THR B 211 -13.31 21.22 -29.67
C THR B 211 -13.93 21.18 -31.06
N ASN B 212 -13.88 20.00 -31.68
CA ASN B 212 -14.54 19.79 -33.00
C ASN B 212 -15.73 18.90 -32.76
N LYS B 213 -16.39 18.54 -33.83
CA LYS B 213 -17.67 17.83 -33.68
C LYS B 213 -17.42 16.38 -33.41
N LYS B 214 -16.15 15.98 -33.53
CA LYS B 214 -15.72 14.63 -33.09
C LYS B 214 -15.39 14.60 -31.61
N LYS B 215 -15.44 15.78 -31.01
CA LYS B 215 -15.19 15.92 -29.57
C LYS B 215 -13.71 15.79 -29.25
N GLN B 216 -12.87 16.00 -30.26
CA GLN B 216 -11.45 16.01 -30.00
C GLN B 216 -11.16 17.42 -29.47
N VAL B 217 -10.13 17.55 -28.63
N VAL B 217 -10.10 17.54 -28.68
CA VAL B 217 -9.70 18.87 -28.18
CA VAL B 217 -9.68 18.83 -28.14
C VAL B 217 -8.34 19.15 -28.75
C VAL B 217 -8.31 19.16 -28.66
N PHE B 218 -8.06 20.43 -28.97
CA PHE B 218 -6.76 20.86 -29.55
C PHE B 218 -6.55 22.35 -29.21
N SER B 219 -5.33 22.85 -29.39
CA SER B 219 -4.98 24.24 -29.04
C SER B 219 -4.65 25.08 -30.29
N LYS B 220 -4.91 26.34 -30.20
CA LYS B 220 -4.74 27.30 -31.30
C LYS B 220 -4.38 28.65 -30.69
N ILE B 221 -3.94 29.57 -31.57
CA ILE B 221 -3.70 30.94 -31.21
C ILE B 221 -4.91 31.76 -31.67
N PHE B 222 -5.40 32.64 -30.78
CA PHE B 222 -6.55 33.48 -30.97
C PHE B 222 -6.07 34.86 -30.65
N TYR B 223 -6.04 35.75 -31.66
CA TYR B 223 -5.42 37.06 -31.49
C TYR B 223 -6.15 38.26 -32.09
N SER B 224 -5.80 39.43 -31.60
CA SER B 224 -6.42 40.69 -32.05
C SER B 224 -5.35 41.76 -32.34
N GLU B 225 -5.47 42.40 -33.51
CA GLU B 225 -4.63 43.47 -33.93
C GLU B 225 -5.23 44.85 -33.61
N ASP B 226 -6.42 44.92 -33.02
CA ASP B 226 -7.10 46.20 -32.72
C ASP B 226 -7.63 46.32 -31.27
N GLU B 227 -6.80 45.97 -30.31
CA GLU B 227 -7.12 46.08 -28.87
C GLU B 227 -8.37 45.28 -28.43
N GLY B 228 -8.55 44.11 -29.01
CA GLY B 228 -9.63 43.24 -28.62
C GLY B 228 -10.96 43.47 -29.28
N LYS B 229 -11.01 44.30 -30.30
CA LYS B 229 -12.31 44.53 -30.93
C LYS B 229 -12.69 43.45 -31.94
N THR B 230 -11.75 43.02 -32.78
CA THR B 230 -11.95 41.89 -33.70
C THR B 230 -10.85 40.87 -33.43
N TRP B 231 -11.14 39.62 -33.75
CA TRP B 231 -10.25 38.51 -33.41
C TRP B 231 -10.14 37.55 -34.61
N LYS B 232 -8.99 36.89 -34.72
CA LYS B 232 -8.67 35.96 -35.78
C LYS B 232 -8.07 34.66 -35.17
N PHE B 233 -8.15 33.54 -35.88
CA PHE B 233 -7.52 32.31 -35.45
C PHE B 233 -6.34 32.02 -36.37
N GLY B 234 -5.22 31.65 -35.77
CA GLY B 234 -4.10 31.16 -36.58
C GLY B 234 -4.54 29.88 -37.29
N LYS B 235 -3.87 29.51 -38.36
CA LYS B 235 -4.28 28.36 -39.15
C LYS B 235 -3.83 27.06 -38.63
N GLY B 236 -2.71 27.09 -37.91
CA GLY B 236 -2.19 25.85 -37.37
C GLY B 236 -2.82 25.48 -36.01
N ARG B 237 -2.37 24.31 -35.47
CA ARG B 237 -2.84 23.70 -34.23
C ARG B 237 -1.85 22.76 -33.65
N SER B 238 -2.05 22.44 -32.41
CA SER B 238 -1.33 21.41 -31.71
C SER B 238 -1.93 20.13 -32.16
N ALA B 239 -1.32 19.06 -31.64
CA ALA B 239 -1.87 17.73 -31.78
C ALA B 239 -3.17 17.68 -31.01
N PHE B 240 -4.01 16.70 -31.34
CA PHE B 240 -5.27 16.50 -30.63
C PHE B 240 -4.86 16.00 -29.23
N GLY B 241 -5.64 16.34 -28.19
CA GLY B 241 -5.34 15.94 -26.81
C GLY B 241 -4.63 17.05 -26.00
N CYS B 242 -4.24 18.14 -26.62
CA CYS B 242 -3.56 19.21 -25.93
C CYS B 242 -4.55 20.24 -25.57
N SER B 243 -4.73 20.46 -24.26
CA SER B 243 -5.68 21.40 -23.65
C SER B 243 -4.99 22.46 -22.76
N GLU B 244 -5.80 23.36 -22.22
CA GLU B 244 -5.39 24.47 -21.32
C GLU B 244 -4.05 24.97 -21.63
N PRO B 245 -3.81 25.50 -22.82
CA PRO B 245 -2.50 25.97 -23.20
C PRO B 245 -2.13 27.33 -22.50
N VAL B 246 -0.85 27.48 -22.18
CA VAL B 246 -0.33 28.71 -21.64
C VAL B 246 0.81 29.18 -22.55
N ALA B 247 0.90 30.49 -22.81
CA ALA B 247 1.91 30.96 -23.74
C ALA B 247 2.68 32.18 -23.34
N LEU B 248 3.89 32.33 -23.90
CA LEU B 248 4.67 33.49 -23.76
C LEU B 248 5.40 33.71 -25.06
N GLU B 249 6.12 34.83 -25.20
CA GLU B 249 6.91 35.15 -26.38
C GLU B 249 8.38 35.12 -26.03
N TRP B 250 9.18 34.41 -26.82
CA TRP B 250 10.62 34.23 -26.60
C TRP B 250 11.36 34.46 -27.91
N GLU B 251 12.26 35.44 -27.95
CA GLU B 251 13.03 35.69 -29.15
C GLU B 251 12.22 35.64 -30.46
N GLY B 252 11.12 36.35 -30.47
CA GLY B 252 10.37 36.42 -31.71
C GLY B 252 9.35 35.32 -31.96
N LYS B 253 9.33 34.26 -31.12
CA LYS B 253 8.41 33.19 -31.36
C LYS B 253 7.45 33.05 -30.21
N LEU B 254 6.25 32.56 -30.49
CA LEU B 254 5.32 32.20 -29.46
C LEU B 254 5.74 30.80 -29.03
N ILE B 255 5.73 30.55 -27.71
CA ILE B 255 5.99 29.27 -27.15
C ILE B 255 4.72 28.91 -26.45
N ILE B 256 4.08 27.83 -26.91
CA ILE B 256 2.80 27.39 -26.40
C ILE B 256 3.00 26.09 -25.69
N ASN B 257 2.74 26.09 -24.38
CA ASN B 257 3.01 24.99 -23.43
C ASN B 257 1.70 24.36 -23.07
N THR B 258 1.48 23.10 -23.43
CA THR B 258 0.17 22.53 -23.26
C THR B 258 0.00 21.46 -22.23
N ARG B 259 -1.26 21.32 -21.76
CA ARG B 259 -1.65 20.23 -20.87
C ARG B 259 -2.08 19.01 -21.70
N VAL B 260 -1.59 17.83 -21.33
CA VAL B 260 -2.02 16.59 -21.96
C VAL B 260 -2.35 15.55 -20.89
N ASP B 261 -3.63 15.29 -20.68
CA ASP B 261 -4.02 14.36 -19.65
C ASP B 261 -3.36 12.99 -19.85
N TYR B 262 -2.87 12.37 -18.79
CA TYR B 262 -2.22 11.07 -18.87
C TYR B 262 -0.97 10.97 -19.77
N ARG B 263 -0.35 12.07 -20.14
CA ARG B 263 0.85 12.06 -21.03
C ARG B 263 1.82 13.16 -20.67
N ARG B 264 2.96 13.22 -21.35
CA ARG B 264 3.92 14.22 -21.05
C ARG B 264 3.49 15.52 -21.77
N ARG B 265 3.69 16.66 -21.15
CA ARG B 265 3.34 17.97 -21.74
C ARG B 265 4.02 18.26 -23.07
N LEU B 266 3.23 18.72 -24.07
CA LEU B 266 3.79 19.07 -25.38
C LEU B 266 3.96 20.59 -25.50
N VAL B 267 5.08 21.01 -26.09
CA VAL B 267 5.36 22.40 -26.24
C VAL B 267 5.66 22.73 -27.71
N TYR B 268 5.15 23.85 -28.19
CA TYR B 268 5.31 24.21 -29.60
C TYR B 268 5.83 25.65 -29.71
N GLU B 269 6.40 25.97 -30.90
CA GLU B 269 6.85 27.30 -31.29
C GLU B 269 6.09 27.75 -32.61
N SER B 270 5.75 29.03 -32.64
CA SER B 270 5.14 29.60 -33.82
C SER B 270 5.65 31.02 -34.03
N SER B 271 6.31 31.22 -35.17
CA SER B 271 6.85 32.49 -35.63
C SER B 271 5.90 33.39 -36.38
N ASP B 272 4.73 32.88 -36.69
CA ASP B 272 3.73 33.60 -37.48
C ASP B 272 2.30 33.68 -36.93
N MET B 273 2.21 34.07 -35.67
CA MET B 273 0.99 34.25 -34.98
C MET B 273 0.18 33.02 -35.14
N GLY B 274 0.77 31.86 -34.99
CA GLY B 274 -0.02 30.67 -35.04
C GLY B 274 -0.45 30.06 -36.38
N ASN B 275 -0.01 30.63 -37.48
CA ASN B 275 -0.32 29.99 -38.78
C ASN B 275 0.45 28.69 -38.96
N THR B 276 1.63 28.59 -38.31
CA THR B 276 2.49 27.43 -38.45
C THR B 276 3.02 27.02 -37.08
N TRP B 277 2.77 25.76 -36.71
CA TRP B 277 3.17 25.26 -35.42
C TRP B 277 4.26 24.20 -35.57
N LEU B 278 5.33 24.33 -34.78
CA LEU B 278 6.40 23.34 -34.75
C LEU B 278 6.67 22.85 -33.34
N GLU B 279 6.59 21.55 -33.10
CA GLU B 279 6.85 21.02 -31.76
C GLU B 279 8.28 21.37 -31.37
N ALA B 280 8.43 21.90 -30.17
CA ALA B 280 9.76 22.29 -29.66
C ALA B 280 10.59 21.11 -29.06
N VAL B 281 10.84 20.12 -29.90
CA VAL B 281 11.56 18.90 -29.50
C VAL B 281 13.00 19.15 -29.08
N GLY B 282 13.53 20.25 -29.56
CA GLY B 282 14.89 20.69 -29.26
C GLY B 282 15.13 21.44 -27.96
N THR B 283 14.04 21.73 -27.24
CA THR B 283 14.14 22.54 -26.01
C THR B 283 13.25 22.09 -24.86
N LEU B 284 11.94 22.34 -24.96
CA LEU B 284 11.02 22.13 -23.83
C LEU B 284 9.98 21.06 -23.98
N SER B 285 9.67 20.60 -25.19
CA SER B 285 8.59 19.59 -25.36
C SER B 285 8.97 18.27 -24.75
N ARG B 286 8.04 17.68 -23.99
CA ARG B 286 8.14 16.32 -23.38
C ARG B 286 9.01 16.28 -22.17
N VAL B 287 9.47 17.44 -21.73
CA VAL B 287 10.23 17.53 -20.54
C VAL B 287 9.38 17.31 -19.26
N TRP B 288 8.30 18.03 -19.12
CA TRP B 288 7.56 17.90 -17.86
C TRP B 288 6.43 16.88 -17.82
N GLY B 289 6.50 15.93 -16.89
CA GLY B 289 5.51 14.88 -16.73
C GLY B 289 4.47 15.19 -15.64
N PRO B 290 3.23 14.79 -15.86
CA PRO B 290 2.15 15.16 -14.98
C PRO B 290 2.06 14.39 -13.68
N SER B 291 2.81 13.31 -13.53
CA SER B 291 2.90 12.55 -12.27
C SER B 291 4.19 11.72 -12.34
N PRO B 292 4.66 11.20 -11.25
CA PRO B 292 5.84 10.31 -11.29
C PRO B 292 5.85 9.27 -12.43
N LYS B 293 4.72 8.70 -12.76
CA LYS B 293 4.70 7.71 -13.86
C LYS B 293 4.02 8.16 -15.16
N SER B 294 3.76 9.46 -15.27
CA SER B 294 3.16 10.12 -16.41
C SER B 294 1.94 9.47 -16.97
N ASN B 295 1.06 9.08 -16.04
CA ASN B 295 -0.20 8.40 -16.37
C ASN B 295 -1.38 8.93 -15.53
N GLN B 296 -1.33 10.20 -15.20
CA GLN B 296 -2.38 10.82 -14.42
C GLN B 296 -2.81 12.10 -15.12
N PRO B 297 -3.91 12.67 -14.72
CA PRO B 297 -4.33 14.00 -15.24
C PRO B 297 -3.31 15.10 -15.09
N GLY B 298 -3.32 16.01 -16.06
CA GLY B 298 -2.46 17.17 -16.05
C GLY B 298 -2.98 18.33 -15.18
N SER B 299 -2.50 19.54 -15.52
CA SER B 299 -2.79 20.75 -14.74
C SER B 299 -2.59 21.98 -15.57
N GLN B 300 -3.18 23.04 -15.08
CA GLN B 300 -2.87 24.44 -15.43
C GLN B 300 -1.47 24.75 -14.91
N SER B 301 -0.76 25.61 -15.63
CA SER B 301 0.60 26.05 -15.29
C SER B 301 0.82 27.58 -15.54
N SER B 302 1.63 28.21 -14.69
CA SER B 302 2.03 29.60 -14.88
C SER B 302 3.29 29.52 -15.73
N PHE B 303 3.35 30.31 -16.79
CA PHE B 303 4.47 30.20 -17.77
C PHE B 303 4.68 31.62 -18.26
N THR B 304 5.74 32.24 -17.76
CA THR B 304 6.06 33.66 -18.04
C THR B 304 7.51 33.90 -18.42
N ALA B 305 7.76 34.91 -19.23
CA ALA B 305 9.09 35.37 -19.52
C ALA B 305 9.30 36.72 -18.79
N VAL B 306 10.40 36.83 -18.02
CA VAL B 306 10.70 37.97 -17.16
C VAL B 306 12.18 38.32 -17.27
N THR B 307 12.61 39.46 -16.70
CA THR B 307 14.02 39.86 -16.74
C THR B 307 14.54 39.97 -15.29
N ILE B 308 15.50 39.13 -14.91
CA ILE B 308 15.96 39.14 -13.54
C ILE B 308 17.40 39.42 -13.59
N GLU B 309 17.83 40.42 -12.86
CA GLU B 309 19.24 40.84 -12.85
C GLU B 309 19.76 40.99 -14.26
N GLY B 310 18.94 41.55 -15.13
CA GLY B 310 19.39 41.81 -16.49
C GLY B 310 19.38 40.63 -17.47
N MET B 311 19.02 39.44 -16.97
N MET B 311 18.97 39.47 -16.98
CA MET B 311 18.87 38.23 -17.83
CA MET B 311 18.88 38.25 -17.80
C MET B 311 17.40 37.88 -18.08
C MET B 311 17.41 37.85 -18.08
N ARG B 312 17.08 37.65 -19.35
CA ARG B 312 15.74 37.22 -19.74
C ARG B 312 15.61 35.75 -19.47
N VAL B 313 14.56 35.30 -18.80
CA VAL B 313 14.40 33.89 -18.48
C VAL B 313 12.95 33.54 -18.45
N MET B 314 12.62 32.28 -18.36
CA MET B 314 11.25 31.85 -18.19
C MET B 314 11.06 31.18 -16.84
N LEU B 315 9.87 31.39 -16.25
CA LEU B 315 9.44 30.72 -15.06
C LEU B 315 8.25 29.88 -15.39
N PHE B 316 8.27 28.64 -14.90
CA PHE B 316 7.22 27.64 -15.12
C PHE B 316 6.80 26.93 -13.81
N THR B 317 5.50 26.82 -13.55
CA THR B 317 5.04 25.98 -12.38
C THR B 317 4.16 24.73 -12.80
N HIS B 318 4.21 23.65 -12.02
CA HIS B 318 3.30 22.50 -12.21
C HIS B 318 3.41 21.58 -10.99
N PRO B 319 2.29 20.98 -10.54
CA PRO B 319 2.37 20.01 -9.42
C PRO B 319 3.05 18.76 -9.81
N LEU B 320 3.70 18.08 -8.87
CA LEU B 320 4.29 16.75 -9.13
C LEU B 320 3.25 15.66 -9.08
N ASN B 321 2.21 15.81 -8.24
CA ASN B 321 1.11 14.87 -8.22
C ASN B 321 1.53 13.46 -7.84
N PHE B 322 2.23 13.33 -6.71
CA PHE B 322 2.61 12.02 -6.14
C PHE B 322 1.31 11.28 -5.76
N LYS B 323 0.32 12.01 -5.32
CA LYS B 323 -0.92 11.33 -4.89
C LYS B 323 -1.77 10.76 -6.04
N GLY B 324 -1.77 11.40 -7.23
CA GLY B 324 -2.54 10.90 -8.35
C GLY B 324 -3.96 11.50 -8.48
N ARG B 325 -4.64 11.09 -9.52
CA ARG B 325 -5.95 11.64 -9.88
C ARG B 325 -5.79 13.16 -10.02
N TRP B 326 -6.77 13.95 -9.56
CA TRP B 326 -6.69 15.43 -9.70
C TRP B 326 -6.18 16.08 -8.44
N LEU B 327 -5.67 15.27 -7.52
CA LEU B 327 -5.17 15.77 -6.23
C LEU B 327 -4.00 16.76 -6.38
N ARG B 328 -2.99 16.37 -7.15
CA ARG B 328 -2.03 17.37 -7.58
C ARG B 328 -1.36 18.18 -6.48
N ASP B 329 -0.80 17.41 -5.58
CA ASP B 329 0.10 17.88 -4.57
C ASP B 329 1.48 18.24 -5.11
N ARG B 330 2.18 19.02 -4.31
CA ARG B 330 3.59 19.36 -4.47
C ARG B 330 3.85 20.30 -5.64
N LEU B 331 3.43 21.52 -5.46
CA LEU B 331 3.58 22.53 -6.51
C LEU B 331 5.04 22.88 -6.66
N ASN B 332 5.61 22.64 -7.85
N ASN B 332 5.61 22.64 -7.84
CA ASN B 332 7.01 22.93 -8.11
CA ASN B 332 7.01 22.92 -8.08
C ASN B 332 7.25 24.14 -9.03
C ASN B 332 7.30 24.08 -9.09
N LEU B 333 8.35 24.87 -8.81
CA LEU B 333 8.73 26.00 -9.66
C LEU B 333 10.03 25.69 -10.39
N TRP B 334 10.08 26.05 -11.68
CA TRP B 334 11.20 25.81 -12.55
C TRP B 334 11.65 27.09 -13.24
N LEU B 335 12.96 27.14 -13.51
CA LEU B 335 13.64 28.25 -14.17
C LEU B 335 14.37 27.75 -15.42
N THR B 336 14.11 28.40 -16.53
CA THR B 336 14.79 28.06 -17.75
C THR B 336 15.15 29.22 -18.71
N ASP B 337 16.31 29.12 -19.38
CA ASP B 337 16.75 30.07 -20.41
C ASP B 337 16.63 29.51 -21.80
N ASN B 338 15.78 28.52 -21.96
CA ASN B 338 15.55 27.83 -23.25
C ASN B 338 16.72 26.92 -23.63
N GLN B 339 17.66 26.75 -22.68
CA GLN B 339 18.78 25.84 -22.83
C GLN B 339 18.86 24.96 -21.54
N ARG B 340 19.12 25.58 -20.39
CA ARG B 340 19.19 24.91 -19.08
C ARG B 340 17.80 24.92 -18.43
N ILE B 341 17.51 23.88 -17.61
CA ILE B 341 16.27 23.79 -16.87
C ILE B 341 16.46 23.41 -15.38
N TYR B 342 16.24 24.36 -14.48
CA TYR B 342 16.54 24.24 -13.07
C TYR B 342 15.31 24.08 -12.19
N ASN B 343 15.36 23.13 -11.28
CA ASN B 343 14.25 22.88 -10.34
C ASN B 343 14.45 23.81 -9.16
N VAL B 344 13.68 24.88 -9.10
CA VAL B 344 13.87 25.84 -8.02
C VAL B 344 13.39 25.24 -6.69
N GLY B 345 12.31 24.45 -6.76
CA GLY B 345 11.85 23.64 -5.59
C GLY B 345 10.30 23.71 -5.41
N GLN B 346 9.85 23.14 -4.31
CA GLN B 346 8.42 23.08 -3.93
C GLN B 346 7.98 24.38 -3.29
N VAL B 347 6.95 24.97 -3.88
CA VAL B 347 6.35 26.22 -3.38
C VAL B 347 5.31 25.96 -2.31
N SER B 348 4.51 24.91 -2.50
CA SER B 348 3.49 24.53 -1.53
C SER B 348 4.12 23.96 -0.28
N ILE B 349 3.30 23.65 0.70
CA ILE B 349 3.83 23.22 2.00
C ILE B 349 3.44 21.82 2.24
N GLY B 350 4.45 21.02 2.57
CA GLY B 350 4.26 19.62 2.89
C GLY B 350 3.58 18.81 1.77
N ASP B 351 2.64 17.99 2.17
CA ASP B 351 1.96 17.15 1.20
C ASP B 351 0.57 17.72 0.87
N GLU B 352 0.30 18.99 1.18
CA GLU B 352 -0.98 19.63 0.74
C GLU B 352 -1.22 19.55 -0.81
N ASN B 353 -2.48 19.38 -1.20
CA ASN B 353 -2.90 19.38 -2.58
C ASN B 353 -2.89 20.83 -3.08
N SER B 354 -2.26 21.07 -4.22
CA SER B 354 -1.91 22.43 -4.64
C SER B 354 -1.71 22.45 -6.18
N ALA B 355 -2.84 22.46 -6.93
CA ALA B 355 -2.82 22.27 -8.36
C ALA B 355 -2.51 23.50 -9.19
N TYR B 356 -3.47 24.42 -9.21
N TYR B 356 -3.44 24.43 -9.15
CA TYR B 356 -3.38 25.62 -10.06
CA TYR B 356 -3.38 25.59 -10.02
C TYR B 356 -2.63 26.75 -9.38
C TYR B 356 -2.66 26.77 -9.38
N SER B 357 -1.87 27.49 -10.18
CA SER B 357 -1.04 28.58 -9.69
C SER B 357 -0.77 29.75 -10.69
N SER B 358 -0.28 30.88 -10.14
CA SER B 358 0.07 32.09 -10.90
C SER B 358 1.27 32.77 -10.29
N VAL B 359 2.38 32.87 -11.01
CA VAL B 359 3.60 33.57 -10.50
C VAL B 359 3.80 34.98 -11.10
N LEU B 360 4.07 35.95 -10.24
CA LEU B 360 4.29 37.35 -10.56
C LEU B 360 5.65 37.84 -10.01
N TYR B 361 6.44 38.47 -10.88
CA TYR B 361 7.69 39.12 -10.54
C TYR B 361 7.41 40.61 -10.70
N LYS B 362 7.45 41.34 -9.59
CA LYS B 362 7.16 42.76 -9.55
C LYS B 362 8.14 43.53 -8.68
N ASP B 363 8.76 44.54 -9.28
CA ASP B 363 9.75 45.38 -8.62
C ASP B 363 10.74 44.49 -7.87
N ASP B 364 11.26 43.47 -8.56
CA ASP B 364 12.29 42.57 -8.03
C ASP B 364 11.88 41.87 -6.77
N LYS B 365 10.58 41.61 -6.65
CA LYS B 365 10.05 40.70 -5.68
C LYS B 365 9.18 39.62 -6.40
N LEU B 366 9.17 38.41 -5.89
CA LEU B 366 8.47 37.28 -6.55
C LEU B 366 7.32 36.80 -5.66
N TYR B 367 6.16 36.61 -6.29
CA TYR B 367 4.98 36.22 -5.57
C TYR B 367 4.32 35.08 -6.23
N CYS B 368 3.51 34.35 -5.46
CA CYS B 368 2.71 33.31 -6.06
C CYS B 368 1.31 33.20 -5.41
N LEU B 369 0.31 33.21 -6.28
CA LEU B 369 -1.10 32.96 -5.88
C LEU B 369 -1.41 31.49 -6.30
N HIS B 370 -1.72 30.64 -5.33
CA HIS B 370 -1.99 29.20 -5.62
C HIS B 370 -3.06 28.56 -4.73
N GLU B 371 -3.61 27.48 -5.23
CA GLU B 371 -4.69 26.72 -4.61
C GLU B 371 -4.16 25.84 -3.50
N ILE B 372 -4.97 25.65 -2.48
CA ILE B 372 -4.79 24.56 -1.53
C ILE B 372 -6.17 23.91 -1.42
N ASN B 373 -6.18 22.59 -1.44
CA ASN B 373 -7.38 21.82 -1.52
C ASN B 373 -7.35 20.80 -0.37
N SER B 374 -8.36 20.90 0.52
CA SER B 374 -8.66 19.88 1.52
C SER B 374 -10.13 19.43 1.33
N ASN B 375 -10.29 18.13 1.09
N ASN B 375 -10.30 18.13 1.12
CA ASN B 375 -11.60 17.51 0.95
CA ASN B 375 -11.63 17.51 0.92
C ASN B 375 -12.46 18.20 -0.13
C ASN B 375 -12.47 18.19 -0.14
N GLU B 376 -11.82 18.66 -1.20
CA GLU B 376 -12.49 19.34 -2.30
C GLU B 376 -13.15 20.69 -1.94
N VAL B 377 -12.47 21.35 -1.01
CA VAL B 377 -12.74 22.74 -0.61
C VAL B 377 -11.38 23.45 -0.83
N TYR B 378 -11.42 24.50 -1.66
CA TYR B 378 -10.24 25.21 -2.13
C TYR B 378 -10.19 26.64 -1.72
N SER B 379 -9.05 26.98 -1.18
CA SER B 379 -8.65 28.37 -0.92
C SER B 379 -7.49 28.79 -1.87
N LEU B 380 -7.22 30.09 -1.95
CA LEU B 380 -6.06 30.56 -2.66
C LEU B 380 -5.15 31.28 -1.64
N VAL B 381 -3.91 30.87 -1.55
CA VAL B 381 -2.97 31.51 -0.67
C VAL B 381 -2.13 32.41 -1.46
N PHE B 382 -1.69 33.51 -0.85
CA PHE B 382 -0.84 34.49 -1.53
C PHE B 382 0.53 34.43 -0.81
N ALA B 383 1.55 33.99 -1.55
CA ALA B 383 2.89 33.71 -1.00
C ALA B 383 3.94 34.65 -1.51
N ARG B 384 4.80 35.03 -0.57
CA ARG B 384 5.95 35.88 -0.82
C ARG B 384 7.08 34.90 -0.97
N LEU B 385 7.57 34.74 -2.18
CA LEU B 385 8.60 33.77 -2.44
C LEU B 385 10.00 34.38 -2.23
N VAL B 386 10.37 34.62 -0.99
CA VAL B 386 11.64 35.26 -0.70
C VAL B 386 12.82 34.30 -0.94
N GLY B 387 12.71 33.10 -0.39
CA GLY B 387 13.75 32.14 -0.62
C GLY B 387 13.95 31.73 -2.09
N GLU B 388 12.85 31.53 -2.78
CA GLU B 388 12.88 31.13 -4.16
C GLU B 388 13.66 32.13 -5.02
N LEU B 389 13.43 33.39 -4.82
CA LEU B 389 14.12 34.42 -5.59
C LEU B 389 15.58 34.49 -5.21
N ARG B 390 15.92 34.27 -3.96
CA ARG B 390 17.34 34.15 -3.58
C ARG B 390 18.03 33.00 -4.38
N ILE B 391 17.42 31.82 -4.41
CA ILE B 391 17.96 30.71 -5.18
C ILE B 391 18.01 31.00 -6.68
N ILE B 392 16.94 31.59 -7.24
CA ILE B 392 16.96 31.92 -8.66
C ILE B 392 18.13 32.82 -9.06
N LYS B 393 18.40 33.81 -8.24
CA LYS B 393 19.46 34.77 -8.55
C LYS B 393 20.88 34.16 -8.45
N SER B 394 21.06 33.26 -7.50
CA SER B 394 22.30 32.48 -7.40
C SER B 394 22.55 31.60 -8.69
N VAL B 395 21.52 30.92 -9.20
CA VAL B 395 21.67 30.10 -10.39
C VAL B 395 21.97 30.99 -11.63
N LEU B 396 21.27 32.11 -11.78
CA LEU B 396 21.55 33.03 -12.89
C LEU B 396 22.97 33.59 -12.88
N GLN B 397 23.50 33.89 -11.69
CA GLN B 397 24.88 34.36 -11.54
C GLN B 397 25.79 33.26 -12.07
N SER B 398 25.47 32.04 -11.67
CA SER B 398 26.27 30.90 -12.10
C SER B 398 26.21 30.79 -13.64
N TRP B 399 25.02 30.80 -14.22
CA TRP B 399 24.91 30.76 -15.69
C TRP B 399 25.73 31.85 -16.39
N LYS B 400 25.60 33.06 -15.92
CA LYS B 400 26.27 34.20 -16.52
C LYS B 400 27.79 34.10 -16.32
N ASN B 401 28.23 33.60 -15.18
CA ASN B 401 29.66 33.52 -14.91
C ASN B 401 30.35 32.50 -15.87
N TRP B 402 29.76 31.33 -16.03
CA TRP B 402 30.35 30.31 -16.87
C TRP B 402 30.23 30.70 -18.37
N ASP B 403 29.10 31.25 -18.83
CA ASP B 403 29.01 31.66 -20.24
C ASP B 403 30.07 32.70 -20.51
N SER B 404 30.25 33.60 -19.54
CA SER B 404 31.25 34.67 -19.65
C SER B 404 32.68 34.12 -19.67
N HIS B 405 32.96 33.12 -18.83
CA HIS B 405 34.22 32.41 -18.80
C HIS B 405 34.52 31.83 -20.19
N LEU B 406 33.57 31.11 -20.79
CA LEU B 406 33.92 30.45 -22.04
C LEU B 406 34.09 31.43 -23.20
N SER B 407 33.17 32.35 -23.30
CA SER B 407 33.13 33.39 -24.29
C SER B 407 34.29 34.35 -24.20
N SER B 408 34.88 34.56 -23.03
CA SER B 408 36.00 35.50 -22.90
C SER B 408 37.36 34.90 -23.36
N ILE B 409 37.47 33.58 -23.39
CA ILE B 409 38.72 32.93 -23.75
C ILE B 409 39.20 33.33 -25.14
N CYS B 410 40.48 33.70 -25.22
CA CYS B 410 41.13 34.06 -26.45
C CYS B 410 41.62 32.75 -27.12
N THR B 411 40.90 32.25 -28.11
CA THR B 411 41.23 30.96 -28.72
C THR B 411 42.42 31.05 -29.72
N PRO B 412 43.15 29.97 -29.86
CA PRO B 412 44.37 29.99 -30.66
C PRO B 412 44.12 30.49 -32.04
N ALA B 413 44.75 31.61 -32.39
CA ALA B 413 44.52 32.22 -33.72
C ALA B 413 44.51 31.18 -34.81
N GLY B 423 45.93 36.93 -33.62
CA GLY B 423 45.34 37.51 -32.40
C GLY B 423 44.52 36.49 -31.61
N CYS B 424 43.20 36.57 -31.74
CA CYS B 424 42.35 35.56 -31.16
C CYS B 424 41.54 34.99 -32.26
N GLY B 425 41.24 33.71 -32.14
CA GLY B 425 40.39 33.03 -33.11
C GLY B 425 38.90 33.23 -32.81
N PRO B 426 38.05 32.47 -33.44
CA PRO B 426 36.62 32.56 -33.12
C PRO B 426 36.38 32.15 -31.68
N ALA B 427 35.34 32.74 -31.11
CA ALA B 427 35.00 32.43 -29.72
C ALA B 427 34.47 30.99 -29.59
N VAL B 428 34.71 30.40 -28.43
CA VAL B 428 34.07 29.16 -28.05
C VAL B 428 32.61 29.48 -27.99
N THR B 429 31.75 28.65 -28.53
CA THR B 429 30.32 28.93 -28.51
C THR B 429 29.67 28.46 -27.25
N THR B 430 28.76 29.28 -26.77
CA THR B 430 27.91 28.91 -25.63
C THR B 430 26.46 28.82 -26.07
N VAL B 431 26.21 29.03 -27.35
CA VAL B 431 24.86 28.91 -27.86
C VAL B 431 24.40 27.45 -27.86
N GLY B 432 23.37 27.13 -27.06
CA GLY B 432 22.89 25.79 -26.92
C GLY B 432 23.71 24.95 -25.93
N LEU B 433 24.58 25.60 -25.12
CA LEU B 433 25.38 24.92 -24.12
C LEU B 433 24.50 24.63 -22.95
N VAL B 434 24.16 23.36 -22.79
CA VAL B 434 23.25 22.95 -21.73
C VAL B 434 23.89 22.48 -20.40
N GLY B 435 24.99 21.75 -20.53
CA GLY B 435 25.64 21.08 -19.38
C GLY B 435 27.15 21.09 -19.47
N PHE B 436 27.87 21.12 -18.31
CA PHE B 436 29.31 21.20 -18.33
C PHE B 436 29.88 20.51 -17.08
N LEU B 437 30.65 19.45 -17.27
CA LEU B 437 31.31 18.71 -16.18
C LEU B 437 32.80 19.03 -16.27
N SER B 438 33.30 19.69 -15.23
CA SER B 438 34.65 20.10 -15.21
C SER B 438 35.27 19.82 -13.82
N HIS B 439 35.77 20.84 -13.15
CA HIS B 439 36.58 20.59 -11.96
C HIS B 439 35.79 20.17 -10.72
N SER B 440 34.61 20.72 -10.49
CA SER B 440 33.87 20.41 -9.26
C SER B 440 33.26 19.00 -9.28
N ALA B 441 33.32 18.35 -8.12
CA ALA B 441 32.82 17.00 -7.94
C ALA B 441 32.88 16.62 -6.46
N THR B 442 32.01 15.70 -6.03
CA THR B 442 32.02 15.14 -4.68
C THR B 442 32.33 13.68 -4.77
N LYS B 443 32.22 12.93 -3.66
CA LYS B 443 32.63 11.52 -3.67
C LYS B 443 31.89 10.70 -4.69
N THR B 444 30.59 10.95 -4.87
CA THR B 444 29.82 10.17 -5.84
C THR B 444 29.11 10.96 -6.97
N GLU B 445 29.40 12.26 -7.09
CA GLU B 445 28.84 13.05 -8.18
C GLU B 445 29.86 13.94 -8.90
N TRP B 446 29.70 14.07 -10.21
CA TRP B 446 30.48 14.99 -11.01
C TRP B 446 29.44 16.15 -11.21
N GLU B 447 29.80 17.35 -10.78
CA GLU B 447 28.85 18.47 -10.78
C GLU B 447 28.74 19.31 -12.08
N ASP B 448 27.50 19.51 -12.50
CA ASP B 448 27.13 20.37 -13.58
C ASP B 448 27.49 21.79 -13.15
N ALA B 449 28.32 22.41 -13.92
CA ALA B 449 28.62 23.79 -13.65
C ALA B 449 27.39 24.62 -13.77
N TYR B 450 26.42 24.19 -14.56
CA TYR B 450 25.15 24.96 -14.79
C TYR B 450 24.09 24.62 -13.73
N ARG B 451 24.48 23.74 -12.81
CA ARG B 451 23.74 23.36 -11.65
C ARG B 451 22.37 22.69 -11.83
N CYS B 452 22.15 22.03 -12.96
CA CYS B 452 20.84 21.45 -13.23
C CYS B 452 20.80 19.91 -13.11
N VAL B 453 21.73 19.26 -13.80
CA VAL B 453 21.82 17.80 -13.75
C VAL B 453 23.27 17.29 -13.54
N ASN B 454 23.55 16.73 -12.36
CA ASN B 454 24.84 16.10 -12.09
C ASN B 454 24.89 14.69 -12.64
N ALA B 455 26.10 14.17 -12.80
CA ALA B 455 26.28 12.80 -13.26
C ALA B 455 26.66 11.91 -12.07
N SER B 456 26.21 10.66 -12.03
CA SER B 456 26.59 9.81 -10.92
C SER B 456 27.93 9.16 -11.29
N THR B 457 28.76 8.86 -10.29
CA THR B 457 30.10 8.28 -10.56
C THR B 457 30.40 7.07 -9.70
N ALA B 458 31.33 6.23 -10.18
CA ALA B 458 31.88 5.11 -9.50
C ALA B 458 33.34 4.94 -9.92
N ASN B 459 34.11 4.58 -8.90
CA ASN B 459 35.53 4.40 -9.01
C ASN B 459 36.19 5.61 -9.58
N ALA B 460 35.89 6.78 -9.07
CA ALA B 460 36.47 7.97 -9.64
C ALA B 460 37.40 8.71 -8.69
N GLU B 461 38.55 9.11 -9.24
CA GLU B 461 39.48 9.93 -8.49
C GLU B 461 39.53 11.33 -9.15
N ARG B 462 39.45 12.33 -8.29
CA ARG B 462 39.52 13.73 -8.74
C ARG B 462 40.89 14.12 -9.28
N VAL B 463 40.87 14.72 -10.46
CA VAL B 463 42.05 15.31 -11.02
C VAL B 463 41.63 16.68 -11.57
N PRO B 464 42.60 17.50 -11.92
CA PRO B 464 42.27 18.85 -12.39
C PRO B 464 41.25 18.83 -13.52
N ASN B 465 40.15 19.58 -13.37
CA ASN B 465 39.07 19.70 -14.38
C ASN B 465 38.41 18.41 -14.84
N GLY B 466 38.38 17.42 -13.96
CA GLY B 466 37.84 16.12 -14.33
C GLY B 466 38.08 14.98 -13.34
N LEU B 467 37.99 13.75 -13.86
CA LEU B 467 37.97 12.52 -13.10
C LEU B 467 38.65 11.42 -13.86
N LYS B 468 39.28 10.56 -13.06
CA LYS B 468 40.08 9.49 -13.55
C LYS B 468 39.38 8.30 -12.99
N PHE B 469 39.07 7.40 -13.93
CA PHE B 469 38.31 6.21 -13.66
C PHE B 469 39.11 4.90 -13.90
N ALA B 470 38.68 3.86 -13.20
CA ALA B 470 39.26 2.54 -13.34
C ALA B 470 38.38 1.44 -12.75
N GLY B 471 38.51 0.23 -13.27
CA GLY B 471 37.84 -0.89 -12.67
C GLY B 471 36.50 -1.19 -13.30
N VAL B 472 36.15 -2.47 -13.25
CA VAL B 472 34.86 -2.91 -13.69
C VAL B 472 33.81 -2.18 -12.89
N GLY B 473 32.79 -1.70 -13.58
CA GLY B 473 31.79 -0.91 -12.84
C GLY B 473 32.10 0.59 -12.83
N GLY B 474 33.30 0.95 -13.30
CA GLY B 474 33.76 2.33 -13.25
C GLY B 474 33.11 3.25 -14.29
N GLY B 475 33.13 4.57 -13.99
CA GLY B 475 32.61 5.58 -14.93
C GLY B 475 31.63 6.58 -14.32
N ALA B 476 31.05 7.41 -15.19
CA ALA B 476 30.04 8.39 -14.78
C ALA B 476 28.80 8.22 -15.68
N LEU B 477 27.61 8.45 -15.09
CA LEU B 477 26.37 8.34 -15.83
C LEU B 477 25.61 9.68 -15.79
N TRP B 478 25.33 10.26 -16.94
CA TRP B 478 24.63 11.53 -17.03
C TRP B 478 23.19 11.19 -17.50
N PRO B 479 22.23 11.17 -16.59
CA PRO B 479 20.89 10.60 -16.92
C PRO B 479 20.11 11.41 -17.92
N VAL B 480 19.49 10.71 -18.86
CA VAL B 480 18.57 11.33 -19.84
C VAL B 480 17.16 10.86 -19.45
N SER B 481 16.64 9.80 -20.04
CA SER B 481 15.35 9.29 -19.59
C SER B 481 15.41 8.96 -18.09
N GLN B 482 16.58 8.59 -17.59
CA GLN B 482 16.70 8.25 -16.17
C GLN B 482 16.39 9.38 -15.19
N GLN B 483 16.21 10.59 -15.71
CA GLN B 483 15.87 11.72 -14.87
C GLN B 483 14.47 11.48 -14.26
N GLY B 484 13.70 10.66 -14.93
CA GLY B 484 12.38 10.28 -14.39
C GLY B 484 11.21 11.16 -14.83
N GLN B 485 10.48 11.71 -13.86
CA GLN B 485 9.27 12.49 -14.12
C GLN B 485 9.51 13.65 -15.06
N ASN B 486 10.55 14.38 -14.74
CA ASN B 486 10.97 15.53 -15.48
C ASN B 486 12.29 15.32 -16.19
N GLN B 487 12.22 15.36 -17.52
CA GLN B 487 13.33 14.97 -18.39
C GLN B 487 13.94 16.13 -19.14
N ARG B 488 14.84 16.81 -18.46
CA ARG B 488 15.45 18.03 -18.94
C ARG B 488 16.30 17.82 -20.18
N TYR B 489 16.74 16.60 -20.45
CA TYR B 489 17.58 16.37 -21.59
C TYR B 489 16.87 15.60 -22.68
N HIS B 490 15.56 15.79 -22.85
CA HIS B 490 14.81 15.06 -23.89
C HIS B 490 15.06 15.59 -25.30
N PHE B 491 15.87 16.65 -25.42
CA PHE B 491 16.22 17.20 -26.73
C PHE B 491 17.25 16.29 -27.47
N ALA B 492 18.04 15.54 -26.70
CA ALA B 492 19.10 14.70 -27.23
C ALA B 492 18.58 13.62 -28.15
N ASN B 493 17.33 13.28 -27.98
CA ASN B 493 16.73 12.33 -28.89
C ASN B 493 16.52 12.85 -30.30
N HIS B 494 16.57 14.15 -30.45
CA HIS B 494 16.42 14.78 -31.77
C HIS B 494 17.74 15.35 -32.38
N ALA B 495 18.48 16.01 -31.50
CA ALA B 495 19.79 16.56 -31.82
C ALA B 495 20.69 16.81 -30.54
N PHE B 496 21.98 16.54 -30.67
CA PHE B 496 22.91 16.88 -29.59
C PHE B 496 24.38 16.86 -30.06
N THR B 497 25.22 17.58 -29.34
CA THR B 497 26.66 17.43 -29.50
C THR B 497 27.27 17.17 -28.08
N LEU B 498 28.06 16.10 -27.92
CA LEU B 498 28.70 15.77 -26.63
C LEU B 498 30.23 15.81 -26.83
N VAL B 499 30.90 16.60 -26.04
CA VAL B 499 32.32 16.81 -26.25
C VAL B 499 33.14 16.44 -24.99
N ALA B 500 34.36 15.92 -25.12
CA ALA B 500 35.20 15.66 -23.93
C ALA B 500 36.69 15.52 -24.30
N SER B 501 37.58 15.72 -23.32
CA SER B 501 38.99 15.43 -23.49
C SER B 501 39.25 14.16 -22.79
N VAL B 502 39.86 13.25 -23.49
CA VAL B 502 40.12 11.89 -22.96
C VAL B 502 41.60 11.42 -23.11
N THR B 503 42.08 10.70 -22.09
CA THR B 503 43.46 10.18 -22.02
C THR B 503 43.33 8.70 -21.63
N ILE B 504 43.86 7.79 -22.45
CA ILE B 504 43.86 6.37 -22.11
C ILE B 504 45.16 5.96 -21.36
N HIS B 505 44.97 5.34 -20.21
CA HIS B 505 46.11 4.96 -19.37
C HIS B 505 46.55 3.50 -19.48
N GLU B 506 45.77 2.64 -20.13
CA GLU B 506 46.13 1.21 -20.28
C GLU B 506 45.44 0.63 -21.53
N VAL B 507 46.15 -0.22 -22.23
CA VAL B 507 45.63 -0.91 -23.39
C VAL B 507 44.68 -1.89 -22.80
N PRO B 508 43.48 -1.95 -23.35
CA PRO B 508 42.44 -2.83 -22.82
C PRO B 508 42.56 -4.29 -23.29
N LYS B 509 41.88 -5.22 -22.63
CA LYS B 509 41.92 -6.63 -23.04
C LYS B 509 41.06 -6.89 -24.26
N GLY B 510 40.08 -6.00 -24.45
CA GLY B 510 39.10 -5.99 -25.51
C GLY B 510 38.42 -4.59 -25.65
N ALA B 511 37.60 -4.39 -26.66
CA ALA B 511 37.02 -3.05 -26.87
C ALA B 511 36.40 -2.53 -25.54
N SER B 512 36.69 -1.27 -25.20
CA SER B 512 36.21 -0.66 -23.95
C SER B 512 35.65 0.72 -24.27
N PRO B 513 34.63 1.14 -23.53
CA PRO B 513 33.96 2.40 -23.84
C PRO B 513 34.69 3.61 -23.32
N LEU B 514 34.52 4.76 -23.98
CA LEU B 514 35.03 6.09 -23.55
C LEU B 514 33.89 7.11 -23.33
N LEU B 515 32.91 7.05 -24.23
CA LEU B 515 31.85 8.05 -24.28
C LEU B 515 30.74 7.61 -25.26
N GLY B 516 29.48 7.86 -24.92
CA GLY B 516 28.37 7.56 -25.79
C GLY B 516 26.98 7.90 -25.19
N ALA B 517 25.94 7.61 -26.00
CA ALA B 517 24.53 7.76 -25.62
C ALA B 517 23.93 6.38 -25.68
N SER B 518 23.40 5.90 -24.57
CA SER B 518 22.84 4.57 -24.52
C SER B 518 21.32 4.61 -24.65
N LEU B 519 20.77 3.62 -25.32
CA LEU B 519 19.35 3.47 -25.46
C LEU B 519 18.76 2.56 -24.43
N ASP B 520 19.61 1.77 -23.78
CA ASP B 520 19.17 0.93 -22.65
C ASP B 520 19.87 1.20 -21.31
N SER B 521 19.50 0.49 -20.25
CA SER B 521 20.04 0.77 -18.92
C SER B 521 21.54 0.38 -18.81
N SER B 522 21.97 -0.60 -19.59
CA SER B 522 23.30 -1.13 -19.43
C SER B 522 24.37 -0.43 -20.25
N GLY B 523 24.01 0.10 -21.39
CA GLY B 523 24.97 0.67 -22.32
C GLY B 523 25.24 -0.29 -23.48
N GLY B 524 24.56 -1.43 -23.41
CA GLY B 524 24.73 -2.44 -24.44
C GLY B 524 24.17 -2.05 -25.81
N LYS B 525 23.04 -1.36 -25.80
CA LYS B 525 22.47 -0.86 -27.04
C LYS B 525 22.72 0.64 -27.16
N LYS B 526 23.48 1.02 -28.17
CA LYS B 526 23.97 2.37 -28.25
C LYS B 526 23.32 3.11 -29.37
N LEU B 527 23.14 4.40 -29.21
CA LEU B 527 22.69 5.25 -30.33
C LEU B 527 23.95 5.70 -31.06
N LEU B 528 24.92 6.15 -30.29
CA LEU B 528 26.15 6.62 -30.89
C LEU B 528 27.22 6.60 -29.83
N GLY B 529 28.41 6.19 -30.19
CA GLY B 529 29.41 6.04 -29.15
C GLY B 529 30.82 5.85 -29.69
N LEU B 530 31.80 5.95 -28.78
CA LEU B 530 33.18 5.74 -29.14
C LEU B 530 33.77 4.77 -28.14
N SER B 531 34.39 3.73 -28.67
CA SER B 531 35.12 2.77 -27.82
C SER B 531 36.55 2.71 -28.34
N TYR B 532 37.44 1.98 -27.67
CA TYR B 532 38.86 1.89 -28.12
C TYR B 532 39.32 0.44 -27.89
N ASP B 533 40.20 -0.10 -28.75
CA ASP B 533 40.51 -1.54 -28.65
C ASP B 533 41.98 -1.94 -28.44
N LYS B 534 42.20 -3.23 -28.24
CA LYS B 534 43.54 -3.73 -27.87
C LYS B 534 44.55 -3.53 -28.95
N ARG B 535 44.11 -3.23 -30.19
CA ARG B 535 45.01 -2.98 -31.28
C ARG B 535 45.31 -1.51 -31.52
N HIS B 536 45.03 -0.64 -30.55
CA HIS B 536 45.33 0.79 -30.68
C HIS B 536 44.52 1.46 -31.76
N GLN B 537 43.33 0.94 -31.97
CA GLN B 537 42.39 1.54 -32.90
C GLN B 537 41.17 2.13 -32.21
N TRP B 538 40.49 3.04 -32.90
CA TRP B 538 39.23 3.58 -32.40
C TRP B 538 38.08 2.67 -32.88
N GLN B 539 37.05 2.48 -32.06
CA GLN B 539 35.83 1.77 -32.49
C GLN B 539 34.58 2.67 -32.30
N PRO B 540 34.29 3.48 -33.29
CA PRO B 540 33.10 4.30 -33.32
C PRO B 540 31.92 3.47 -33.58
N ILE B 541 30.89 3.64 -32.79
CA ILE B 541 29.70 2.85 -32.91
C ILE B 541 28.56 3.71 -33.44
N TYR B 542 27.93 3.26 -34.52
CA TYR B 542 26.80 4.00 -35.09
C TYR B 542 25.55 3.16 -35.05
N GLY B 543 24.70 3.39 -34.07
CA GLY B 543 23.46 2.63 -33.88
C GLY B 543 23.69 1.16 -33.73
N SER B 544 22.95 0.40 -34.52
CA SER B 544 23.12 -1.05 -34.49
C SER B 544 24.04 -1.49 -35.63
N THR B 545 24.67 -0.57 -36.31
CA THR B 545 25.54 -0.89 -37.41
C THR B 545 26.84 -1.62 -36.99
N PRO B 546 27.23 -2.71 -37.68
CA PRO B 546 28.43 -3.47 -37.26
C PRO B 546 29.61 -2.53 -37.25
N VAL B 547 30.46 -2.73 -36.26
CA VAL B 547 31.58 -1.83 -36.00
C VAL B 547 32.78 -2.16 -36.86
N THR B 548 33.39 -1.10 -37.41
CA THR B 548 34.60 -1.12 -38.19
C THR B 548 35.70 -0.32 -37.45
N PRO B 549 36.69 -0.98 -36.88
CA PRO B 549 37.77 -0.26 -36.20
C PRO B 549 38.54 0.64 -37.15
N THR B 550 39.06 1.78 -36.71
CA THR B 550 39.74 2.68 -37.61
C THR B 550 40.66 3.60 -36.89
N GLY B 551 41.59 4.21 -37.63
CA GLY B 551 42.55 5.15 -37.09
C GLY B 551 43.47 4.55 -36.07
N SER B 552 44.08 5.39 -35.25
CA SER B 552 45.08 4.92 -34.31
C SER B 552 45.21 5.82 -33.10
N TRP B 553 45.59 5.28 -31.95
CA TRP B 553 45.76 6.10 -30.74
C TRP B 553 46.92 5.63 -29.84
N GLU B 554 47.41 6.55 -28.99
CA GLU B 554 48.54 6.26 -28.12
C GLU B 554 48.21 6.47 -26.66
N MET B 555 48.83 5.64 -25.81
CA MET B 555 48.54 5.81 -24.41
C MET B 555 49.18 7.12 -23.94
N GLY B 556 48.51 7.75 -22.99
CA GLY B 556 48.96 8.97 -22.36
C GLY B 556 48.66 10.22 -23.11
N LYS B 557 48.30 10.13 -24.39
CA LYS B 557 48.06 11.35 -25.13
C LYS B 557 46.62 11.84 -24.93
N ARG B 558 46.44 13.14 -24.82
CA ARG B 558 45.11 13.70 -24.56
C ARG B 558 44.45 13.91 -25.87
N TYR B 559 43.32 13.29 -26.08
CA TYR B 559 42.56 13.39 -27.35
C TYR B 559 41.26 14.20 -27.16
N HIS B 560 40.87 14.97 -28.18
CA HIS B 560 39.58 15.69 -28.23
C HIS B 560 38.55 14.84 -28.97
N VAL B 561 37.44 14.55 -28.29
CA VAL B 561 36.37 13.72 -28.87
C VAL B 561 35.07 14.48 -29.02
N VAL B 562 34.45 14.38 -30.16
CA VAL B 562 33.16 14.98 -30.36
C VAL B 562 32.23 13.99 -31.01
N LEU B 563 31.06 13.82 -30.39
CA LEU B 563 29.97 13.06 -30.99
C LEU B 563 28.84 14.04 -31.36
N THR B 564 28.41 14.02 -32.62
CA THR B 564 27.23 14.82 -33.07
C THR B 564 26.16 13.93 -33.65
N MET B 565 24.91 14.28 -33.37
CA MET B 565 23.80 13.57 -33.93
C MET B 565 22.72 14.57 -34.25
N ALA B 566 22.35 14.62 -35.54
CA ALA B 566 21.20 15.38 -36.00
C ALA B 566 20.68 14.72 -37.27
N ASN B 567 19.40 14.98 -37.56
CA ASN B 567 18.74 14.42 -38.69
C ASN B 567 18.95 12.92 -38.75
N LYS B 568 18.94 12.26 -37.62
CA LYS B 568 19.07 10.78 -37.55
C LYS B 568 20.44 10.24 -38.00
N ILE B 569 21.39 11.16 -38.18
CA ILE B 569 22.72 10.79 -38.56
C ILE B 569 23.78 11.13 -37.47
N GLY B 570 24.75 10.24 -37.28
CA GLY B 570 25.78 10.44 -36.25
C GLY B 570 27.17 10.59 -36.85
N SER B 571 28.02 11.38 -36.23
CA SER B 571 29.40 11.51 -36.65
C SER B 571 30.30 11.44 -35.38
N VAL B 572 31.56 11.05 -35.52
CA VAL B 572 32.53 10.95 -34.43
C VAL B 572 33.80 11.59 -34.89
N TYR B 573 34.29 12.57 -34.14
CA TYR B 573 35.48 13.32 -34.49
C TYR B 573 36.60 13.08 -33.46
N ILE B 574 37.83 12.96 -33.97
CA ILE B 574 39.00 12.91 -33.12
C ILE B 574 39.92 14.08 -33.54
N ASP B 575 40.24 14.92 -32.56
CA ASP B 575 41.13 16.04 -32.77
C ASP B 575 40.61 16.87 -33.90
N GLY B 576 39.32 17.11 -33.82
CA GLY B 576 38.62 17.94 -34.79
C GLY B 576 38.40 17.39 -36.19
N GLU B 577 38.69 16.10 -36.40
CA GLU B 577 38.56 15.52 -37.73
C GLU B 577 37.74 14.25 -37.67
N PRO B 578 36.83 14.09 -38.63
CA PRO B 578 35.90 12.96 -38.66
C PRO B 578 36.56 11.63 -38.79
N LEU B 579 36.12 10.61 -38.05
CA LEU B 579 36.63 9.25 -38.26
C LEU B 579 36.09 8.77 -39.62
N GLU B 580 36.95 8.12 -40.40
CA GLU B 580 36.56 7.68 -41.76
C GLU B 580 35.33 6.87 -41.48
N GLY B 581 34.25 7.07 -42.24
CA GLY B 581 32.98 6.38 -41.98
C GLY B 581 31.98 7.17 -41.12
N SER B 582 32.35 8.38 -40.78
CA SER B 582 31.46 9.17 -39.98
C SER B 582 30.29 9.58 -40.87
N GLY B 583 29.12 9.87 -40.32
CA GLY B 583 28.00 10.31 -41.16
C GLY B 583 26.99 9.24 -41.56
N GLN B 584 26.79 8.27 -40.70
CA GLN B 584 25.89 7.19 -40.98
C GLN B 584 24.61 7.37 -40.20
N THR B 585 23.53 6.83 -40.75
CA THR B 585 22.24 6.78 -40.07
C THR B 585 22.29 5.91 -38.83
N VAL B 586 21.79 6.45 -37.74
CA VAL B 586 21.81 5.77 -36.47
C VAL B 586 20.42 5.56 -35.93
N VAL B 587 19.43 6.16 -36.57
CA VAL B 587 18.07 5.97 -36.13
C VAL B 587 17.17 5.62 -37.33
N PRO B 588 16.50 4.49 -37.26
CA PRO B 588 15.45 4.12 -38.23
C PRO B 588 14.43 5.23 -38.41
N ASP B 589 13.79 5.11 -39.51
CA ASP B 589 13.09 6.27 -39.97
C ASP B 589 11.76 6.62 -39.31
N GLU B 590 11.05 5.65 -38.81
CA GLU B 590 9.81 6.02 -38.12
C GLU B 590 10.12 6.40 -36.68
N ARG B 591 10.88 5.49 -36.05
CA ARG B 591 11.16 5.57 -34.63
C ARG B 591 11.88 6.83 -34.20
N THR B 592 11.51 7.26 -33.01
CA THR B 592 12.15 8.31 -32.27
C THR B 592 12.84 7.64 -31.10
N PRO B 593 14.09 7.90 -30.95
CA PRO B 593 14.86 7.27 -29.88
C PRO B 593 14.40 7.71 -28.50
N ASP B 594 14.70 6.91 -27.50
CA ASP B 594 14.51 7.22 -26.11
C ASP B 594 15.79 6.92 -25.34
N ILE B 595 16.75 7.83 -25.46
CA ILE B 595 18.02 7.73 -24.74
C ILE B 595 17.88 7.62 -23.22
N SER B 596 18.48 6.57 -22.65
CA SER B 596 18.54 6.35 -21.19
C SER B 596 19.51 7.32 -20.42
N HIS B 597 20.66 7.51 -21.00
CA HIS B 597 21.73 8.24 -20.39
C HIS B 597 22.92 8.37 -21.29
N PHE B 598 23.78 9.32 -20.96
CA PHE B 598 25.11 9.34 -21.58
C PHE B 598 26.06 8.64 -20.54
N TYR B 599 27.02 7.86 -21.05
CA TYR B 599 28.10 7.24 -20.24
C TYR B 599 29.39 7.93 -20.57
N VAL B 600 30.25 8.10 -19.55
CA VAL B 600 31.51 8.81 -19.70
C VAL B 600 32.60 8.08 -18.90
N GLY B 601 33.66 7.72 -19.57
CA GLY B 601 34.82 7.12 -18.88
C GLY B 601 34.58 5.70 -18.40
N GLY B 602 33.61 5.01 -19.01
CA GLY B 602 33.16 3.70 -18.55
C GLY B 602 31.65 3.62 -18.70
N TYR B 603 31.02 2.48 -18.37
CA TYR B 603 29.57 2.41 -18.43
C TYR B 603 28.98 2.76 -17.06
N LYS B 604 29.81 2.95 -16.06
CA LYS B 604 29.30 2.93 -14.67
C LYS B 604 28.33 1.75 -14.37
N ARG B 605 28.61 0.56 -14.87
CA ARG B 605 27.76 -0.59 -14.61
C ARG B 605 28.55 -1.84 -14.26
N SER B 606 28.38 -2.33 -13.03
CA SER B 606 29.11 -3.51 -12.53
C SER B 606 28.79 -4.71 -13.41
N GLY B 607 27.64 -4.67 -14.07
CA GLY B 607 27.21 -5.73 -14.98
C GLY B 607 27.91 -5.78 -16.33
N MET B 608 28.62 -4.73 -16.69
CA MET B 608 29.38 -4.77 -17.92
C MET B 608 30.87 -5.13 -17.58
N PRO B 609 31.42 -6.10 -18.28
CA PRO B 609 32.76 -6.61 -17.95
C PRO B 609 33.92 -5.74 -18.39
N THR B 610 33.66 -4.53 -18.83
CA THR B 610 34.75 -3.73 -19.31
C THR B 610 35.45 -3.01 -18.20
N ASP B 611 36.75 -2.77 -18.45
CA ASP B 611 37.60 -2.05 -17.53
C ASP B 611 38.24 -0.91 -18.30
N SER B 612 37.62 0.25 -18.13
CA SER B 612 38.12 1.47 -18.76
C SER B 612 39.00 2.27 -17.80
N ARG B 613 40.26 2.39 -18.17
CA ARG B 613 41.25 3.07 -17.38
C ARG B 613 41.60 4.32 -18.12
N VAL B 614 40.86 5.36 -17.77
CA VAL B 614 40.94 6.61 -18.50
C VAL B 614 40.69 7.82 -17.65
N THR B 615 41.24 8.95 -18.06
CA THR B 615 40.91 10.23 -17.45
C THR B 615 39.98 11.03 -18.39
N VAL B 616 38.91 11.60 -17.88
CA VAL B 616 38.07 12.45 -18.70
C VAL B 616 37.97 13.84 -18.13
N ASN B 617 38.24 14.84 -18.97
CA ASN B 617 38.14 16.26 -18.57
C ASN B 617 37.12 17.03 -19.45
N ASN B 618 36.50 18.01 -18.82
CA ASN B 618 35.74 19.03 -19.50
C ASN B 618 34.67 18.49 -20.50
N VAL B 619 33.56 17.94 -19.97
CA VAL B 619 32.53 17.35 -20.80
C VAL B 619 31.50 18.42 -21.04
N LEU B 620 31.15 18.67 -22.30
CA LEU B 620 30.17 19.69 -22.68
C LEU B 620 29.01 19.04 -23.40
N LEU B 621 27.77 19.46 -23.11
CA LEU B 621 26.59 18.94 -23.86
C LEU B 621 25.80 20.11 -24.52
N TYR B 622 25.59 20.04 -25.81
CA TYR B 622 24.83 21.06 -26.57
C TYR B 622 23.54 20.43 -27.14
N ASN B 623 22.50 21.26 -27.23
CA ASN B 623 21.23 20.81 -27.78
C ASN B 623 21.12 20.92 -29.31
N ARG B 624 22.27 20.96 -29.98
CA ARG B 624 22.33 21.01 -31.46
C ARG B 624 23.63 20.38 -32.00
N GLN B 625 23.68 20.14 -33.34
CA GLN B 625 24.93 19.75 -34.02
C GLN B 625 25.85 20.93 -34.24
N LEU B 626 26.99 20.94 -33.58
CA LEU B 626 27.98 21.98 -33.74
C LEU B 626 28.49 21.99 -35.17
N ASN B 627 28.84 23.18 -35.71
CA ASN B 627 29.37 23.19 -37.08
C ASN B 627 30.88 22.97 -37.08
N ALA B 628 31.45 22.88 -38.26
CA ALA B 628 32.88 22.60 -38.43
C ALA B 628 33.80 23.60 -37.73
N GLU B 629 33.50 24.86 -37.89
CA GLU B 629 34.30 25.87 -37.24
C GLU B 629 34.22 25.73 -35.71
N GLU B 630 33.00 25.54 -35.15
CA GLU B 630 32.80 25.39 -33.69
C GLU B 630 33.57 24.19 -33.11
N ILE B 631 33.59 23.09 -33.86
CA ILE B 631 34.29 21.90 -33.42
C ILE B 631 35.81 22.12 -33.39
N ARG B 632 36.31 22.77 -34.42
CA ARG B 632 37.73 23.11 -34.51
C ARG B 632 38.23 24.03 -33.40
N THR B 633 37.41 25.01 -33.05
CA THR B 633 37.72 25.93 -31.92
C THR B 633 37.73 25.24 -30.57
N LEU B 634 36.79 24.37 -30.37
CA LEU B 634 36.80 23.60 -29.14
C LEU B 634 38.09 22.75 -29.07
N PHE B 635 38.39 22.02 -30.15
CA PHE B 635 39.65 21.21 -30.21
C PHE B 635 40.88 22.12 -29.93
N LEU B 636 40.92 23.27 -30.56
CA LEU B 636 42.08 24.07 -30.37
C LEU B 636 42.14 24.73 -29.01
N SER B 637 41.01 24.82 -28.29
CA SER B 637 41.03 25.51 -26.98
C SER B 637 40.84 24.58 -25.79
N GLN B 638 40.97 23.27 -26.02
CA GLN B 638 40.93 22.30 -24.91
C GLN B 638 41.57 22.63 -23.60
N ASP B 639 42.76 23.18 -23.65
CA ASP B 639 43.48 23.34 -22.40
C ASP B 639 43.17 24.65 -21.78
N LEU B 640 42.20 25.38 -22.33
CA LEU B 640 41.80 26.69 -21.79
C LEU B 640 40.43 26.74 -21.09
N ILE B 641 39.60 25.72 -21.24
CA ILE B 641 38.20 25.86 -20.82
C ILE B 641 37.88 25.39 -19.45
N GLY B 642 38.78 24.74 -18.74
CA GLY B 642 38.43 24.22 -17.41
C GLY B 642 38.11 25.27 -16.36
N THR B 643 37.35 24.83 -15.34
CA THR B 643 36.87 25.67 -14.25
C THR B 643 37.80 25.74 -13.03
N GLU B 644 38.78 24.83 -12.91
CA GLU B 644 39.62 24.77 -11.67
C GLU B 644 40.16 26.12 -11.23
N ALA B 645 40.70 26.85 -12.19
CA ALA B 645 41.41 28.10 -11.94
C ALA B 645 40.49 29.33 -11.83
N HIS B 646 39.24 29.18 -12.18
CA HIS B 646 38.31 30.27 -12.09
C HIS B 646 37.62 30.40 -10.74
N MET B 647 37.39 29.29 -10.05
CA MET B 647 36.65 29.29 -8.77
C MET B 647 37.54 29.37 -7.52
C1 DAN C . -13.49 -39.75 9.13
C2 DAN C . -13.05 -40.90 9.77
C3 DAN C . -11.98 -41.78 9.16
C4 DAN C . -11.90 -43.18 9.71
C5 DAN C . -12.92 -43.55 10.77
C6 DAN C . -13.15 -42.37 11.71
C7 DAN C . -14.08 -42.70 12.87
C8 DAN C . -13.64 -41.95 14.13
C9 DAN C . -14.24 -42.62 15.37
C10 DAN C . -13.15 -45.87 11.75
C11 DAN C . -12.56 -46.88 12.69
N5 DAN C . -12.52 -44.64 11.67
O1A DAN C . -14.42 -39.04 9.57
O1B DAN C . -13.00 -39.42 8.05
O4 DAN C . -11.98 -44.04 8.61
O6 DAN C . -13.70 -41.27 10.99
O7 DAN C . -15.41 -42.30 12.51
O8 DAN C . -12.20 -41.99 14.29
O9 DAN C . -15.52 -42.18 15.67
O10 DAN C . -14.18 -46.13 11.10
C1 DAN D . -9.02 21.17 -13.51
C2 DAN D . -9.81 22.03 -14.21
C3 DAN D . -10.71 22.96 -13.51
C4 DAN D . -11.81 23.55 -14.35
C5 DAN D . -11.99 22.90 -15.71
C6 DAN D . -10.64 22.72 -16.39
C7 DAN D . -10.72 21.98 -17.73
C8 DAN D . -9.46 22.38 -18.50
C9 DAN D . -9.18 21.50 -19.78
C10 DAN D . -14.03 23.43 -17.15
C11 DAN D . -14.72 24.51 -17.90
N5 DAN D . -12.85 23.78 -16.55
O1A DAN D . -8.28 20.34 -14.09
O1B DAN D . -9.05 21.19 -12.26
O4 DAN D . -13.05 23.51 -13.65
O6 DAN D . -9.71 21.96 -15.60
O7 DAN D . -10.79 20.54 -17.52
O8 DAN D . -9.66 23.81 -18.64
O9 DAN D . -10.20 21.45 -20.76
O10 DAN D . -14.48 22.24 -17.06
#